data_3E2Y
#
_entry.id   3E2Y
#
_cell.length_a   91.567
_cell.length_b   91.567
_cell.length_c   232.536
_cell.angle_alpha   90.00
_cell.angle_beta   90.00
_cell.angle_gamma   90.00
#
_symmetry.space_group_name_H-M   'P 43 21 2'
#
loop_
_entity.id
_entity.type
_entity.pdbx_description
1 polymer 'Kynurenine-oxoglutarate transaminase 3'
2 non-polymer GLUTAMINE
3 non-polymer "4'-DEOXY-4'-AMINOPYRIDOXAL-5'-PHOSPHATE"
4 non-polymer GLYCEROL
5 water water
#
_entity_poly.entity_id   1
_entity_poly.type   'polypeptide(L)'
_entity_poly.pdbx_seq_one_letter_code
;NAKRIEGLDSNVWVEFTKLAADPSVVNLGQGFPDISPPSYVKEELSKAAFIDNMNQYTRGFGHPALVKALSCLYGKIYQR
QIDPNEEILVAVGAYGSLFNSIQGLVDPGDEVIIMVPFYDCYEPMVRMAGAVPVFIPLRSKPTDGMKWTSSDWTFDPREL
ESKFSSKTKAIILNTPHNPLGKVYTRQELQVIADLCVKHDTLCISDEVYEWLVYTGHTHVKIATLPGMWERTITIGSAGK
TFSVTGWKLGWSIGPAHLIKHLQTVQQNSFYTCATPLQAALAEAFWIDIKRMDDPECYFNSLPKELEVKRDRMVRLLNSV
GLKPIVPDGGYFIIADVSSLGADLSDMNSDEPYDYKFVKWMTKHKKLTAIPVSAFCDSKSKPHFEKLVRFCFIKKDSTLD
AAEEIFRAWN
;
_entity_poly.pdbx_strand_id   A,B
#
# COMPACT_ATOMS: atom_id res chain seq x y z
N ASN A 1 -14.99 -4.01 -15.17
CA ASN A 1 -13.94 -4.70 -14.43
C ASN A 1 -12.99 -5.57 -15.26
N ALA A 2 -11.72 -5.49 -14.93
CA ALA A 2 -10.71 -6.36 -15.51
C ALA A 2 -10.98 -7.80 -15.11
N LYS A 3 -10.71 -8.72 -16.01
CA LYS A 3 -10.95 -10.14 -15.74
C LYS A 3 -10.34 -10.74 -14.49
N ARG A 4 -9.10 -10.32 -14.12
CA ARG A 4 -8.40 -10.82 -12.94
C ARG A 4 -9.20 -10.57 -11.69
N ILE A 5 -10.08 -9.57 -11.69
CA ILE A 5 -10.95 -9.32 -10.49
C ILE A 5 -12.43 -9.70 -10.61
N GLU A 6 -12.79 -10.53 -11.59
CA GLU A 6 -14.17 -10.94 -11.80
C GLU A 6 -14.61 -11.75 -10.58
N GLY A 7 -15.76 -11.40 -9.97
CA GLY A 7 -16.27 -12.10 -8.81
C GLY A 7 -15.48 -11.90 -7.50
N LEU A 8 -14.56 -10.93 -7.44
CA LEU A 8 -13.74 -10.72 -6.23
C LEU A 8 -14.15 -9.44 -5.51
N ASP A 9 -15.30 -8.92 -5.93
CA ASP A 9 -15.80 -7.62 -5.46
C ASP A 9 -16.58 -7.82 -4.17
N SER A 10 -16.93 -9.04 -3.85
CA SER A 10 -17.58 -9.22 -2.57
C SER A 10 -16.49 -9.36 -1.51
N ASN A 11 -16.76 -8.75 -0.38
CA ASN A 11 -15.84 -8.78 0.70
C ASN A 11 -16.62 -8.88 2.01
N VAL A 12 -16.27 -9.86 2.86
CA VAL A 12 -17.02 -10.06 4.13
C VAL A 12 -17.04 -8.78 4.99
N TRP A 13 -15.89 -8.08 5.08
CA TRP A 13 -15.73 -6.87 5.89
C TRP A 13 -16.53 -5.64 5.42
N VAL A 14 -16.56 -5.42 4.11
CA VAL A 14 -17.52 -4.52 3.48
C VAL A 14 -18.95 -5.00 3.84
N GLU A 15 -19.23 -6.29 3.70
CA GLU A 15 -20.52 -6.85 4.18
C GLU A 15 -20.89 -6.41 5.64
N PHE A 16 -19.95 -6.57 6.60
CA PHE A 16 -20.21 -6.37 8.05
C PHE A 16 -20.19 -4.95 8.60
N THR A 17 -20.07 -3.96 7.71
CA THR A 17 -20.11 -2.53 8.09
C THR A 17 -21.28 -2.15 9.04
N LYS A 18 -22.49 -2.59 8.68
CA LYS A 18 -23.74 -2.11 9.29
C LYS A 18 -23.92 -2.50 10.77
N LEU A 19 -23.90 -3.82 11.04
CA LEU A 19 -23.92 -4.39 12.40
C LEU A 19 -23.72 -3.35 13.53
N ALA A 20 -22.45 -2.93 13.70
CA ALA A 20 -22.10 -1.98 14.76
C ALA A 20 -21.62 -0.62 14.22
N ALA A 21 -22.56 0.19 13.74
CA ALA A 21 -22.39 1.63 13.61
C ALA A 21 -23.25 2.23 14.74
N ASP A 22 -24.37 1.53 15.03
CA ASP A 22 -25.25 1.76 16.20
C ASP A 22 -24.47 1.76 17.55
N PRO A 23 -24.30 2.97 18.15
CA PRO A 23 -23.40 3.21 19.29
C PRO A 23 -23.72 2.39 20.56
N SER A 24 -24.99 2.08 20.78
CA SER A 24 -25.41 1.27 21.93
C SER A 24 -25.08 -0.26 21.83
N VAL A 25 -24.52 -0.72 20.70
CA VAL A 25 -24.14 -2.14 20.51
C VAL A 25 -22.71 -2.37 21.05
N VAL A 26 -22.47 -3.48 21.73
CA VAL A 26 -21.10 -3.83 22.15
C VAL A 26 -20.48 -4.65 21.00
N ASN A 27 -19.35 -4.19 20.48
CA ASN A 27 -18.79 -4.80 19.27
C ASN A 27 -17.61 -5.67 19.62
N LEU A 28 -17.84 -6.96 19.57
CA LEU A 28 -16.78 -7.93 19.82
C LEU A 28 -16.51 -8.68 18.51
N GLY A 29 -16.80 -8.05 17.38
CA GLY A 29 -16.65 -8.70 16.09
C GLY A 29 -15.28 -8.44 15.46
N GLN A 30 -15.11 -7.32 14.74
CA GLN A 30 -13.83 -6.98 14.06
C GLN A 30 -12.65 -6.86 15.07
N GLY A 31 -11.43 -7.16 14.58
CA GLY A 31 -10.19 -7.11 15.37
C GLY A 31 -9.68 -5.68 15.60
N PHE A 32 -10.53 -4.87 16.26
CA PHE A 32 -10.25 -3.46 16.57
C PHE A 32 -9.91 -3.48 18.05
N PRO A 33 -8.62 -3.33 18.41
CA PRO A 33 -8.21 -3.05 19.78
C PRO A 33 -8.77 -1.75 20.28
N ASP A 34 -9.35 -1.77 21.47
CA ASP A 34 -9.69 -0.52 22.11
C ASP A 34 -8.93 -0.34 23.44
N ILE A 35 -8.00 -1.25 23.72
CA ILE A 35 -6.92 -0.97 24.69
C ILE A 35 -6.05 0.13 24.09
N SER A 36 -5.27 0.85 24.91
CA SER A 36 -4.25 1.77 24.38
C SER A 36 -3.05 1.04 23.85
N PRO A 37 -2.50 1.50 22.73
CA PRO A 37 -1.20 0.91 22.37
C PRO A 37 -0.16 1.40 23.39
N PRO A 38 1.04 0.79 23.42
CA PRO A 38 2.02 1.32 24.40
C PRO A 38 2.32 2.84 24.24
N SER A 39 2.59 3.51 25.36
CA SER A 39 2.80 4.98 25.40
C SER A 39 3.91 5.42 24.46
N TYR A 40 5.03 4.69 24.46
CA TYR A 40 6.17 4.97 23.61
C TYR A 40 5.96 4.82 22.09
N VAL A 41 5.04 3.93 21.67
CA VAL A 41 4.68 3.78 20.27
C VAL A 41 4.03 5.11 19.81
N LYS A 42 3.09 5.63 20.60
CA LYS A 42 2.48 6.90 20.28
C LYS A 42 3.44 8.06 20.40
N GLU A 43 4.30 8.04 21.41
CA GLU A 43 5.34 9.06 21.58
C GLU A 43 6.29 9.15 20.37
N GLU A 44 6.79 8.00 19.93
CA GLU A 44 7.78 7.91 18.84
C GLU A 44 7.27 8.43 17.48
N LEU A 45 5.99 8.20 17.21
CA LEU A 45 5.29 8.72 16.04
C LEU A 45 5.17 10.27 16.10
N SER A 46 4.84 10.81 17.27
CA SER A 46 4.87 12.29 17.51
C SER A 46 6.25 12.86 17.28
N LYS A 47 7.28 12.22 17.86
CA LYS A 47 8.66 12.62 17.64
C LYS A 47 9.06 12.64 16.17
N ALA A 48 8.83 11.55 15.44
CA ALA A 48 9.06 11.48 14.01
C ALA A 48 8.32 12.55 13.19
N ALA A 49 7.05 12.83 13.53
CA ALA A 49 6.26 13.91 12.92
C ALA A 49 7.02 15.24 12.86
N PHE A 50 7.78 15.58 13.90
CA PHE A 50 8.47 16.88 13.92
C PHE A 50 9.86 16.90 13.24
N ILE A 51 10.37 15.74 12.81
CA ILE A 51 11.58 15.68 11.98
C ILE A 51 11.22 15.74 10.47
N ASP A 52 11.44 16.91 9.85
CA ASP A 52 11.19 17.12 8.41
C ASP A 52 11.53 15.93 7.48
N ASN A 53 12.74 15.41 7.58
CA ASN A 53 13.20 14.22 6.82
C ASN A 53 12.36 12.95 6.92
N MET A 54 11.76 12.74 8.10
CA MET A 54 11.01 11.52 8.42
C MET A 54 9.62 11.66 7.85
N ASN A 55 9.36 12.81 7.25
CA ASN A 55 8.11 13.06 6.55
C ASN A 55 8.38 13.02 5.05
N GLN A 56 9.62 12.74 4.66
CA GLN A 56 9.94 12.56 3.21
C GLN A 56 10.21 11.09 2.82
N TYR A 57 10.23 10.81 1.52
CA TYR A 57 10.54 9.46 1.04
C TYR A 57 11.62 8.77 1.84
N THR A 58 11.47 7.45 2.02
CA THR A 58 12.56 6.60 2.56
C THR A 58 12.76 5.45 1.59
N ARG A 59 13.64 4.52 1.95
CA ARG A 59 13.98 3.35 1.09
C ARG A 59 12.72 2.53 0.69
N GLY A 60 12.58 2.24 -0.59
CA GLY A 60 11.44 1.56 -1.14
C GLY A 60 11.07 0.27 -0.44
N PHE A 61 12.07 -0.57 -0.10
CA PHE A 61 11.80 -1.89 0.44
C PHE A 61 11.74 -1.94 1.97
N GLY A 62 11.94 -0.79 2.57
CA GLY A 62 11.78 -0.56 3.98
C GLY A 62 12.79 0.44 4.51
N HIS A 63 12.29 1.34 5.36
CA HIS A 63 13.12 2.26 6.14
C HIS A 63 14.37 1.60 6.77
N PRO A 64 15.57 2.13 6.46
CA PRO A 64 16.77 1.45 6.98
C PRO A 64 16.78 1.12 8.49
N ALA A 65 16.37 2.04 9.37
CA ALA A 65 16.42 1.71 10.79
C ALA A 65 15.42 0.60 11.10
N LEU A 66 14.25 0.60 10.43
CA LEU A 66 13.26 -0.46 10.64
C LEU A 66 13.73 -1.87 10.23
N VAL A 67 14.23 -2.06 9.02
CA VAL A 67 14.59 -3.41 8.57
C VAL A 67 15.80 -3.96 9.36
N LYS A 68 16.62 -3.03 9.78
CA LYS A 68 17.71 -3.27 10.67
C LYS A 68 17.20 -3.74 12.09
N ALA A 69 16.26 -3.01 12.69
CA ALA A 69 15.58 -3.55 13.89
C ALA A 69 14.93 -4.95 13.63
N LEU A 70 14.18 -5.09 12.52
CA LEU A 70 13.62 -6.44 12.16
C LEU A 70 14.67 -7.55 12.01
N SER A 71 15.80 -7.25 11.41
CA SER A 71 16.74 -8.33 11.21
C SER A 71 17.37 -8.70 12.52
N CYS A 72 17.49 -7.72 13.43
CA CYS A 72 18.03 -8.01 14.77
C CYS A 72 17.08 -8.90 15.57
N LEU A 73 15.83 -8.47 15.72
CA LEU A 73 14.78 -9.21 16.43
C LEU A 73 14.59 -10.64 15.88
N TYR A 74 14.44 -10.76 14.54
CA TYR A 74 14.22 -12.11 13.92
C TYR A 74 15.45 -13.00 13.78
N GLY A 75 16.61 -12.37 13.72
CA GLY A 75 17.88 -13.08 13.78
C GLY A 75 17.97 -13.85 15.07
N LYS A 76 17.54 -13.26 16.19
CA LYS A 76 17.47 -13.94 17.48
C LYS A 76 16.46 -15.08 17.56
N ILE A 77 15.30 -14.89 16.91
CA ILE A 77 14.20 -15.86 16.92
C ILE A 77 14.55 -17.03 16.02
N TYR A 78 15.08 -16.75 14.83
CA TYR A 78 15.50 -17.79 13.89
C TYR A 78 16.86 -18.40 14.23
N GLN A 79 17.63 -17.72 15.07
CA GLN A 79 19.01 -18.10 15.37
C GLN A 79 19.81 -18.20 14.09
N ARG A 80 19.64 -17.20 13.24
CA ARG A 80 20.53 -17.01 12.09
C ARG A 80 20.54 -15.54 11.77
N GLN A 81 21.61 -15.11 11.14
CA GLN A 81 21.64 -13.78 10.55
C GLN A 81 20.56 -13.60 9.49
N ILE A 82 19.77 -12.54 9.68
CA ILE A 82 18.79 -12.07 8.69
C ILE A 82 19.38 -10.82 7.99
N ASP A 83 19.42 -10.89 6.67
CA ASP A 83 19.80 -9.78 5.85
C ASP A 83 18.68 -8.69 5.74
N PRO A 84 18.90 -7.50 6.36
CA PRO A 84 17.90 -6.41 6.39
C PRO A 84 17.41 -5.92 5.02
N ASN A 85 18.29 -6.01 4.01
CA ASN A 85 18.05 -5.45 2.69
C ASN A 85 17.54 -6.50 1.71
N GLU A 86 18.00 -7.76 1.89
CA GLU A 86 17.77 -8.82 0.91
C GLU A 86 16.80 -9.90 1.37
N GLU A 87 16.63 -10.01 2.68
CA GLU A 87 15.76 -11.06 3.25
C GLU A 87 14.49 -10.48 3.95
N ILE A 88 14.38 -9.16 3.89
CA ILE A 88 13.22 -8.48 4.47
C ILE A 88 12.61 -7.57 3.43
N LEU A 89 11.30 -7.52 3.45
CA LEU A 89 10.55 -6.54 2.69
C LEU A 89 9.42 -6.01 3.56
N VAL A 90 9.40 -4.69 3.74
CA VAL A 90 8.33 -4.05 4.47
C VAL A 90 7.22 -3.66 3.49
N ALA A 91 5.99 -4.00 3.82
CA ALA A 91 4.82 -3.76 2.95
C ALA A 91 3.68 -3.15 3.78
N VAL A 92 2.62 -2.73 3.10
CA VAL A 92 1.43 -2.12 3.74
C VAL A 92 0.61 -3.24 4.42
N GLY A 93 0.93 -3.47 5.68
CA GLY A 93 0.36 -4.55 6.46
C GLY A 93 0.85 -5.93 6.06
N ALA A 94 0.49 -6.90 6.90
CA ALA A 94 0.48 -8.27 6.49
C ALA A 94 -0.37 -8.56 5.21
N TYR A 95 -1.45 -7.82 4.97
CA TYR A 95 -2.23 -7.93 3.71
C TYR A 95 -1.32 -7.74 2.52
N GLY A 96 -0.59 -6.60 2.51
CA GLY A 96 0.30 -6.24 1.42
C GLY A 96 1.43 -7.24 1.26
N SER A 97 1.87 -7.83 2.35
CA SER A 97 2.86 -8.90 2.29
C SER A 97 2.34 -10.16 1.62
N LEU A 98 1.15 -10.61 2.03
CA LEU A 98 0.43 -11.67 1.40
C LEU A 98 0.28 -11.33 -0.06
N PHE A 99 -0.16 -10.11 -0.36
CA PHE A 99 -0.32 -9.72 -1.77
C PHE A 99 1.03 -9.82 -2.61
N ASN A 100 2.09 -9.19 -2.11
CA ASN A 100 3.41 -9.35 -2.74
C ASN A 100 3.83 -10.80 -2.99
N SER A 101 3.55 -11.68 -2.03
CA SER A 101 4.00 -13.06 -2.04
C SER A 101 3.32 -13.82 -3.17
N ILE A 102 2.00 -13.71 -3.23
CA ILE A 102 1.22 -14.44 -4.22
C ILE A 102 1.44 -13.85 -5.61
N GLN A 103 1.44 -12.51 -5.71
CA GLN A 103 1.68 -11.82 -6.99
C GLN A 103 3.05 -12.04 -7.60
N GLY A 104 4.09 -12.12 -6.78
CA GLY A 104 5.43 -12.40 -7.31
C GLY A 104 5.82 -13.85 -7.51
N LEU A 105 5.06 -14.79 -6.91
CA LEU A 105 5.42 -16.20 -6.86
C LEU A 105 4.42 -17.18 -7.48
N VAL A 106 3.19 -16.72 -7.73
CA VAL A 106 2.09 -17.62 -8.10
C VAL A 106 1.55 -17.24 -9.47
N ASP A 107 1.57 -18.24 -10.35
CA ASP A 107 1.09 -18.18 -11.72
C ASP A 107 -0.29 -18.72 -11.90
N PRO A 108 -1.00 -18.20 -12.94
CA PRO A 108 -2.27 -18.76 -13.36
C PRO A 108 -2.16 -20.29 -13.57
N GLY A 109 -3.14 -21.05 -13.06
CA GLY A 109 -3.21 -22.47 -13.24
C GLY A 109 -2.47 -23.24 -12.14
N ASP A 110 -1.59 -22.55 -11.39
CA ASP A 110 -0.98 -23.10 -10.16
C ASP A 110 -2.06 -23.41 -9.13
N GLU A 111 -1.79 -24.43 -8.34
CA GLU A 111 -2.57 -24.73 -7.15
C GLU A 111 -1.96 -24.18 -5.86
N VAL A 112 -2.83 -23.67 -5.00
CA VAL A 112 -2.41 -23.19 -3.69
C VAL A 112 -3.28 -23.84 -2.66
N ILE A 113 -2.64 -24.53 -1.70
CA ILE A 113 -3.38 -25.19 -0.63
C ILE A 113 -3.76 -24.18 0.47
N ILE A 114 -5.03 -24.20 0.86
CA ILE A 114 -5.52 -23.33 1.90
C ILE A 114 -6.23 -24.19 2.97
N MET A 115 -5.79 -24.08 4.23
CA MET A 115 -6.53 -24.70 5.36
C MET A 115 -7.82 -23.96 5.75
N VAL A 116 -8.92 -24.72 5.90
CA VAL A 116 -10.23 -24.14 6.24
C VAL A 116 -10.54 -24.35 7.73
N PRO A 117 -11.05 -23.31 8.44
CA PRO A 117 -11.31 -21.89 8.06
C PRO A 117 -10.01 -21.13 7.86
N PHE A 118 -10.05 -20.09 7.02
CA PHE A 118 -8.89 -19.34 6.55
C PHE A 118 -9.19 -17.89 6.68
N TYR A 119 -8.17 -17.11 7.05
CA TYR A 119 -8.30 -15.64 6.95
C TYR A 119 -8.84 -15.28 5.56
N ASP A 120 -9.88 -14.44 5.49
CA ASP A 120 -10.74 -14.48 4.30
C ASP A 120 -10.03 -14.04 3.01
N CYS A 121 -8.98 -13.23 3.16
CA CYS A 121 -8.31 -12.69 2.00
C CYS A 121 -7.53 -13.77 1.18
N TYR A 122 -7.21 -14.94 1.76
CA TYR A 122 -6.36 -15.91 1.08
C TYR A 122 -6.99 -16.36 -0.21
N GLU A 123 -8.28 -16.67 -0.18
CA GLU A 123 -8.95 -17.21 -1.34
C GLU A 123 -8.93 -16.21 -2.54
N PRO A 124 -9.48 -14.98 -2.36
CA PRO A 124 -9.42 -13.99 -3.49
C PRO A 124 -8.00 -13.61 -3.96
N MET A 125 -7.02 -13.59 -3.08
CA MET A 125 -5.66 -13.32 -3.54
C MET A 125 -5.18 -14.40 -4.50
N VAL A 126 -5.37 -15.66 -4.12
CA VAL A 126 -5.09 -16.77 -4.99
C VAL A 126 -5.82 -16.75 -6.33
N ARG A 127 -7.09 -16.36 -6.32
CA ARG A 127 -7.84 -16.24 -7.56
C ARG A 127 -7.43 -15.08 -8.46
N MET A 128 -7.14 -13.90 -7.91
CA MET A 128 -6.79 -12.77 -8.73
C MET A 128 -5.50 -13.10 -9.45
N ALA A 129 -4.72 -14.04 -8.90
CA ALA A 129 -3.46 -14.48 -9.53
C ALA A 129 -3.74 -15.56 -10.59
N GLY A 130 -5.01 -15.97 -10.78
CA GLY A 130 -5.35 -16.97 -11.81
C GLY A 130 -5.07 -18.39 -11.35
N ALA A 131 -4.80 -18.52 -10.05
CA ALA A 131 -4.43 -19.79 -9.47
C ALA A 131 -5.67 -20.51 -8.87
N VAL A 132 -5.51 -21.77 -8.51
CA VAL A 132 -6.64 -22.62 -8.09
C VAL A 132 -6.52 -22.89 -6.58
N PRO A 133 -7.44 -22.32 -5.79
CA PRO A 133 -7.31 -22.64 -4.36
C PRO A 133 -7.73 -24.08 -4.11
N VAL A 134 -6.94 -24.81 -3.32
CA VAL A 134 -7.26 -26.16 -2.96
C VAL A 134 -7.50 -26.28 -1.43
N PHE A 135 -8.74 -26.60 -1.07
CA PHE A 135 -9.18 -26.45 0.31
C PHE A 135 -9.06 -27.74 1.09
N ILE A 136 -8.61 -27.64 2.32
CA ILE A 136 -8.62 -28.79 3.20
C ILE A 136 -9.10 -28.32 4.59
N PRO A 137 -10.13 -28.97 5.19
CA PRO A 137 -10.53 -28.48 6.54
C PRO A 137 -9.68 -28.98 7.73
N LEU A 138 -9.62 -28.18 8.77
CA LEU A 138 -9.25 -28.60 10.11
C LEU A 138 -10.44 -29.33 10.73
N ARG A 139 -10.23 -30.51 11.28
CA ARG A 139 -11.30 -31.33 11.84
C ARG A 139 -11.05 -31.46 13.34
N SER A 140 -12.12 -31.41 14.16
CA SER A 140 -11.98 -31.69 15.59
C SER A 140 -11.70 -33.14 15.88
N LYS A 141 -11.18 -33.36 17.07
CA LYS A 141 -10.96 -34.67 17.61
C LYS A 141 -11.56 -34.71 19.03
N PRO A 142 -11.68 -35.92 19.63
CA PRO A 142 -12.19 -35.95 21.00
C PRO A 142 -11.34 -35.08 21.93
N THR A 143 -12.07 -34.41 22.80
CA THR A 143 -11.59 -33.47 23.80
C THR A 143 -11.07 -34.23 25.05
N ASP A 144 -10.20 -33.64 25.84
CA ASP A 144 -9.77 -34.21 27.14
C ASP A 144 -10.91 -34.37 28.20
N GLY A 145 -12.09 -33.83 27.89
CA GLY A 145 -13.24 -34.01 28.73
C GLY A 145 -13.63 -32.78 29.51
N MET A 146 -12.65 -31.99 29.91
CA MET A 146 -12.90 -30.85 30.80
C MET A 146 -13.10 -29.56 30.00
N LYS A 147 -12.43 -29.47 28.85
CA LYS A 147 -12.27 -28.21 28.15
C LYS A 147 -12.28 -28.49 26.66
N TRP A 148 -12.96 -27.65 25.90
CA TRP A 148 -12.78 -27.59 24.46
C TRP A 148 -11.73 -26.51 24.01
N THR A 149 -10.64 -26.93 23.34
CA THR A 149 -9.59 -26.03 22.95
C THR A 149 -9.23 -26.10 21.45
N SER A 150 -8.42 -25.13 21.02
CA SER A 150 -7.89 -25.01 19.69
C SER A 150 -7.08 -26.18 19.32
N SER A 151 -6.48 -26.78 20.34
CA SER A 151 -5.62 -27.94 20.21
C SER A 151 -6.38 -29.25 19.89
N ASP A 152 -7.70 -29.20 20.07
CA ASP A 152 -8.60 -30.29 19.69
C ASP A 152 -8.98 -30.24 18.22
N TRP A 153 -8.41 -29.29 17.49
CA TRP A 153 -8.59 -29.19 16.05
C TRP A 153 -7.28 -29.52 15.40
N THR A 154 -7.30 -30.22 14.25
CA THR A 154 -6.07 -30.60 13.56
C THR A 154 -6.45 -30.97 12.13
N PHE A 155 -5.48 -31.47 11.37
CA PHE A 155 -5.72 -31.96 10.03
C PHE A 155 -5.30 -33.44 9.91
N ASP A 156 -5.88 -34.10 8.94
CA ASP A 156 -5.53 -35.46 8.59
C ASP A 156 -4.31 -35.38 7.67
N PRO A 157 -3.14 -35.94 8.12
CA PRO A 157 -1.95 -35.86 7.26
C PRO A 157 -2.10 -36.59 5.93
N ARG A 158 -2.96 -37.59 5.88
CA ARG A 158 -3.13 -38.39 4.66
C ARG A 158 -4.00 -37.64 3.64
N GLU A 159 -5.04 -36.98 4.16
CA GLU A 159 -5.85 -36.00 3.46
C GLU A 159 -4.99 -34.81 2.96
N LEU A 160 -4.12 -34.27 3.84
CA LEU A 160 -3.24 -33.17 3.42
C LEU A 160 -2.39 -33.56 2.19
N GLU A 161 -1.66 -34.66 2.34
CA GLU A 161 -0.86 -35.29 1.30
C GLU A 161 -1.56 -35.44 -0.04
N SER A 162 -2.80 -35.93 -0.01
CA SER A 162 -3.65 -36.07 -1.21
C SER A 162 -3.95 -34.72 -1.88
N LYS A 163 -3.66 -33.59 -1.25
CA LYS A 163 -3.98 -32.30 -1.85
C LYS A 163 -2.79 -31.84 -2.68
N PHE A 164 -1.61 -32.39 -2.38
CA PHE A 164 -0.37 -32.10 -3.04
C PHE A 164 -0.30 -32.87 -4.35
N SER A 165 0.01 -32.15 -5.43
CA SER A 165 0.20 -32.73 -6.76
C SER A 165 1.28 -31.96 -7.50
N SER A 166 1.61 -32.39 -8.71
CA SER A 166 2.57 -31.67 -9.54
C SER A 166 2.17 -30.22 -9.82
N LYS A 167 0.89 -29.87 -9.64
CA LYS A 167 0.41 -28.47 -9.85
C LYS A 167 0.49 -27.54 -8.62
N THR A 168 0.83 -28.08 -7.44
CA THR A 168 0.94 -27.29 -6.20
C THR A 168 2.13 -26.35 -6.23
N LYS A 169 1.87 -25.08 -6.10
CA LYS A 169 2.95 -24.12 -6.07
C LYS A 169 3.23 -23.78 -4.65
N ALA A 170 2.19 -23.76 -3.80
CA ALA A 170 2.39 -23.28 -2.44
C ALA A 170 1.33 -23.83 -1.53
N ILE A 171 1.63 -23.79 -0.24
CA ILE A 171 0.60 -23.89 0.79
C ILE A 171 0.66 -22.64 1.65
N ILE A 172 -0.54 -22.16 2.04
CA ILE A 172 -0.65 -21.08 3.00
C ILE A 172 -0.94 -21.56 4.44
N LEU A 173 -0.03 -21.19 5.36
CA LEU A 173 -0.08 -21.58 6.77
C LEU A 173 -0.40 -20.31 7.57
N ASN A 174 -1.32 -20.41 8.53
CA ASN A 174 -1.65 -19.27 9.44
C ASN A 174 -1.56 -19.82 10.85
N THR A 175 -0.44 -19.55 11.52
CA THR A 175 -0.28 -19.90 12.94
C THR A 175 0.40 -18.73 13.76
N PRO A 176 -0.17 -18.37 14.93
CA PRO A 176 -1.49 -18.81 15.46
C PRO A 176 -2.65 -18.44 14.53
N HIS A 177 -3.57 -19.37 14.40
CA HIS A 177 -4.60 -19.34 13.42
C HIS A 177 -5.76 -18.37 13.74
N ASN A 178 -6.16 -17.62 12.74
CA ASN A 178 -7.39 -16.84 12.80
C ASN A 178 -8.39 -17.51 11.81
N PRO A 179 -9.62 -17.87 12.26
CA PRO A 179 -10.39 -17.63 13.50
C PRO A 179 -10.29 -18.57 14.70
N LEU A 180 -9.67 -19.73 14.54
CA LEU A 180 -9.64 -20.79 15.57
C LEU A 180 -8.77 -20.52 16.78
N GLY A 181 -7.70 -19.76 16.64
CA GLY A 181 -6.85 -19.57 17.82
C GLY A 181 -5.83 -20.68 17.97
N LYS A 182 -5.77 -21.58 16.99
CA LYS A 182 -4.82 -22.69 16.96
C LYS A 182 -3.34 -22.32 16.82
N VAL A 183 -2.54 -22.88 17.70
CA VAL A 183 -1.09 -22.78 17.66
C VAL A 183 -0.60 -24.13 17.09
N TYR A 184 -0.16 -24.13 15.82
CA TYR A 184 0.29 -25.37 15.18
C TYR A 184 1.47 -25.96 15.92
N THR A 185 1.50 -27.28 16.05
CA THR A 185 2.54 -27.98 16.82
C THR A 185 3.69 -28.33 15.89
N ARG A 186 4.84 -28.59 16.49
CA ARG A 186 6.01 -28.97 15.71
C ARG A 186 5.72 -30.18 14.81
N GLN A 187 5.00 -31.17 15.32
CA GLN A 187 4.56 -32.34 14.56
C GLN A 187 3.67 -32.01 13.36
N GLU A 188 2.69 -31.15 13.54
CA GLU A 188 1.92 -30.64 12.41
C GLU A 188 2.78 -29.92 11.36
N LEU A 189 3.69 -29.06 11.81
CA LEU A 189 4.52 -28.28 10.88
C LEU A 189 5.43 -29.17 10.09
N GLN A 190 5.91 -30.21 10.79
CA GLN A 190 6.77 -31.24 10.24
C GLN A 190 6.10 -31.99 9.13
N VAL A 191 4.81 -32.29 9.25
CA VAL A 191 4.07 -32.95 8.18
C VAL A 191 3.96 -31.99 7.01
N ILE A 192 3.63 -30.72 7.32
CA ILE A 192 3.58 -29.69 6.26
C ILE A 192 4.96 -29.58 5.55
N ALA A 193 6.04 -29.45 6.32
CA ALA A 193 7.43 -29.35 5.82
C ALA A 193 7.86 -30.54 4.93
N ASP A 194 7.59 -31.77 5.38
CA ASP A 194 7.86 -33.02 4.60
C ASP A 194 7.30 -33.01 3.22
N LEU A 195 6.05 -32.55 3.10
CA LEU A 195 5.34 -32.47 1.82
C LEU A 195 5.84 -31.35 0.90
N CYS A 196 6.19 -30.19 1.47
CA CYS A 196 6.68 -29.05 0.70
C CYS A 196 8.02 -29.40 0.10
N VAL A 197 8.89 -30.02 0.91
CA VAL A 197 10.19 -30.56 0.45
C VAL A 197 10.02 -31.69 -0.60
N LYS A 198 9.18 -32.68 -0.29
CA LYS A 198 8.90 -33.77 -1.25
C LYS A 198 8.29 -33.32 -2.60
N HIS A 199 7.38 -32.35 -2.61
CA HIS A 199 6.86 -31.80 -3.88
C HIS A 199 7.57 -30.56 -4.36
N ASP A 200 8.54 -30.10 -3.60
CA ASP A 200 9.26 -28.90 -3.98
C ASP A 200 8.30 -27.71 -4.14
N THR A 201 7.52 -27.44 -3.10
CA THR A 201 6.63 -26.29 -3.15
C THR A 201 7.10 -25.24 -2.15
N LEU A 202 6.45 -24.09 -2.20
CA LEU A 202 6.63 -23.02 -1.24
C LEU A 202 5.65 -23.12 -0.06
N CYS A 203 6.01 -22.46 1.06
CA CYS A 203 5.08 -22.25 2.13
C CYS A 203 5.02 -20.75 2.36
N ILE A 204 3.82 -20.19 2.38
CA ILE A 204 3.65 -18.79 2.79
C ILE A 204 3.04 -18.84 4.17
N SER A 205 3.75 -18.34 5.18
CA SER A 205 3.35 -18.55 6.58
C SER A 205 2.98 -17.22 7.26
N ASP A 206 1.69 -17.04 7.49
CA ASP A 206 1.13 -15.84 8.07
C ASP A 206 1.23 -15.93 9.61
N GLU A 207 2.19 -15.22 10.18
CA GLU A 207 2.50 -15.34 11.59
C GLU A 207 2.34 -14.02 12.38
N VAL A 208 1.39 -13.21 11.93
CA VAL A 208 1.08 -11.94 12.59
C VAL A 208 0.83 -12.01 14.09
N TYR A 209 0.22 -13.10 14.54
CA TYR A 209 -0.16 -13.33 15.95
C TYR A 209 0.89 -14.09 16.75
N GLU A 210 2.13 -14.13 16.26
CA GLU A 210 3.23 -14.90 16.83
C GLU A 210 3.59 -14.67 18.29
N TRP A 211 3.45 -13.44 18.76
CA TRP A 211 3.64 -13.13 20.17
C TRP A 211 2.46 -13.51 21.06
N LEU A 212 1.31 -13.72 20.46
CA LEU A 212 0.12 -13.96 21.24
C LEU A 212 -0.15 -15.44 21.38
N VAL A 213 0.70 -16.09 22.14
CA VAL A 213 0.48 -17.46 22.53
C VAL A 213 0.48 -17.70 24.03
N TYR A 214 -0.41 -18.58 24.46
CA TYR A 214 -0.77 -18.64 25.86
C TYR A 214 -0.10 -19.84 26.52
N THR A 215 -0.11 -19.85 27.84
CA THR A 215 0.57 -20.90 28.61
C THR A 215 0.16 -22.31 28.12
N GLY A 216 1.16 -23.18 28.02
CA GLY A 216 0.96 -24.54 27.51
C GLY A 216 1.41 -24.67 26.06
N HIS A 217 1.64 -23.54 25.41
CA HIS A 217 1.95 -23.51 24.00
C HIS A 217 3.17 -22.69 23.64
N THR A 218 3.75 -22.98 22.50
CA THR A 218 4.80 -22.17 21.95
C THR A 218 4.77 -21.98 20.45
N HIS A 219 4.98 -20.74 20.03
CA HIS A 219 5.14 -20.45 18.62
C HIS A 219 6.36 -21.10 18.00
N VAL A 220 6.10 -22.00 17.07
CA VAL A 220 7.17 -22.56 16.28
C VAL A 220 7.02 -22.04 14.87
N LYS A 221 8.16 -21.58 14.29
CA LYS A 221 8.27 -21.07 12.91
C LYS A 221 8.66 -22.19 11.94
N ILE A 222 7.77 -22.53 11.03
CA ILE A 222 8.04 -23.60 10.08
C ILE A 222 9.34 -23.36 9.26
N ALA A 223 9.66 -22.10 8.95
CA ALA A 223 10.88 -21.76 8.20
C ALA A 223 12.18 -22.09 8.94
N THR A 224 12.09 -22.34 10.25
CA THR A 224 13.25 -22.85 10.98
C THR A 224 13.44 -24.40 10.93
N LEU A 225 12.51 -25.16 10.34
CA LEU A 225 12.64 -26.61 10.25
C LEU A 225 13.50 -26.99 9.04
N PRO A 226 14.18 -28.16 9.08
CA PRO A 226 15.09 -28.58 7.97
C PRO A 226 14.46 -28.47 6.55
N GLY A 227 15.21 -27.93 5.58
CA GLY A 227 14.76 -27.77 4.21
C GLY A 227 13.76 -26.62 4.01
N MET A 228 13.32 -25.94 5.07
CA MET A 228 12.22 -24.97 4.92
C MET A 228 12.64 -23.50 4.66
N TRP A 229 13.83 -23.12 5.11
CA TRP A 229 14.31 -21.74 4.97
C TRP A 229 14.19 -21.25 3.54
N GLU A 230 14.61 -22.11 2.62
CA GLU A 230 14.78 -21.75 1.24
C GLU A 230 13.46 -21.64 0.52
N ARG A 231 12.37 -22.06 1.19
CA ARG A 231 11.12 -22.23 0.47
C ARG A 231 9.94 -21.61 1.21
N THR A 232 10.22 -20.80 2.22
CA THR A 232 9.18 -20.19 3.05
C THR A 232 9.25 -18.66 3.03
N ILE A 233 8.09 -18.02 2.96
CA ILE A 233 7.96 -16.60 3.24
C ILE A 233 7.20 -16.49 4.55
N THR A 234 7.75 -15.76 5.52
CA THR A 234 7.10 -15.63 6.82
C THR A 234 6.80 -14.18 7.07
N ILE A 235 5.53 -13.96 7.45
CA ILE A 235 4.92 -12.67 7.50
C ILE A 235 4.54 -12.25 8.93
N GLY A 236 4.88 -11.02 9.26
CA GLY A 236 4.54 -10.40 10.53
C GLY A 236 3.89 -9.05 10.27
N SER A 237 3.47 -8.40 11.34
CA SER A 237 2.66 -7.18 11.27
C SER A 237 2.84 -6.28 12.50
N ALA A 238 3.03 -4.98 12.27
CA ALA A 238 3.10 -3.93 13.31
C ALA A 238 1.81 -3.83 14.08
N GLY A 239 0.70 -3.86 13.35
CA GLY A 239 -0.65 -3.82 13.93
C GLY A 239 -0.87 -4.82 15.04
N LYS A 240 -0.39 -6.04 14.81
CA LYS A 240 -0.54 -7.13 15.77
C LYS A 240 0.50 -7.04 16.88
N THR A 241 1.75 -6.79 16.50
CA THR A 241 2.82 -6.70 17.49
C THR A 241 2.82 -5.53 18.46
N PHE A 242 2.36 -4.38 18.01
CA PHE A 242 2.29 -3.22 18.85
C PHE A 242 0.88 -2.67 19.09
N SER A 243 -0.13 -3.44 18.70
CA SER A 243 -1.50 -3.08 18.88
C SER A 243 -1.84 -1.72 18.21
N VAL A 244 -1.28 -1.48 17.01
CA VAL A 244 -1.57 -0.29 16.22
C VAL A 244 -2.04 -0.73 14.83
N THR A 245 -3.23 -1.31 14.80
CA THR A 245 -3.81 -1.85 13.54
C THR A 245 -3.82 -0.80 12.41
N GLY A 246 -3.84 0.47 12.82
CA GLY A 246 -3.99 1.59 11.91
C GLY A 246 -2.69 2.08 11.34
N TRP A 247 -1.58 1.48 11.71
CA TRP A 247 -0.31 1.87 11.11
C TRP A 247 -0.05 1.15 9.76
N LYS A 248 -0.66 -0.04 9.61
CA LYS A 248 -0.64 -0.82 8.38
C LYS A 248 0.76 -1.01 7.82
N LEU A 249 1.61 -1.72 8.59
CA LEU A 249 2.99 -2.10 8.23
C LEU A 249 3.18 -3.57 8.60
N GLY A 250 3.62 -4.39 7.65
CA GLY A 250 4.05 -5.75 7.94
C GLY A 250 5.30 -6.01 7.15
N TRP A 251 5.80 -7.23 7.22
CA TRP A 251 7.05 -7.57 6.64
C TRP A 251 6.95 -9.04 6.28
N SER A 252 7.66 -9.36 5.18
CA SER A 252 7.97 -10.67 4.72
C SER A 252 9.47 -10.94 4.95
N ILE A 253 9.74 -12.08 5.57
CA ILE A 253 11.08 -12.55 5.87
C ILE A 253 11.24 -13.91 5.17
N GLY A 254 12.31 -14.02 4.38
CA GLY A 254 12.65 -15.28 3.73
C GLY A 254 13.94 -15.18 2.94
N PRO A 255 14.23 -16.20 2.12
CA PRO A 255 15.47 -16.22 1.37
C PRO A 255 15.49 -15.16 0.29
N ALA A 256 16.70 -14.66 0.00
CA ALA A 256 16.86 -13.55 -0.96
C ALA A 256 16.30 -13.87 -2.32
N HIS A 257 16.42 -15.11 -2.79
CA HIS A 257 15.90 -15.49 -4.10
C HIS A 257 14.34 -15.49 -4.20
N LEU A 258 13.66 -15.59 -3.06
CA LEU A 258 12.22 -15.44 -3.05
C LEU A 258 11.82 -14.00 -2.75
N ILE A 259 12.44 -13.39 -1.75
CA ILE A 259 12.14 -11.99 -1.39
C ILE A 259 12.37 -11.04 -2.55
N LYS A 260 13.30 -11.31 -3.47
CA LYS A 260 13.46 -10.44 -4.64
C LYS A 260 12.22 -10.36 -5.50
N HIS A 261 11.49 -11.45 -5.61
CA HIS A 261 10.29 -11.42 -6.42
C HIS A 261 9.19 -10.59 -5.72
N LEU A 262 9.09 -10.67 -4.39
CA LEU A 262 8.19 -9.80 -3.64
C LEU A 262 8.52 -8.33 -3.80
N GLN A 263 9.82 -8.05 -3.74
CA GLN A 263 10.34 -6.73 -3.96
C GLN A 263 10.03 -6.19 -5.35
N THR A 264 10.01 -7.05 -6.38
CA THR A 264 9.69 -6.62 -7.74
C THR A 264 8.21 -6.25 -7.88
N VAL A 265 7.31 -6.95 -7.18
CA VAL A 265 5.88 -6.55 -7.14
C VAL A 265 5.67 -5.19 -6.45
N GLN A 266 6.29 -5.02 -5.30
CA GLN A 266 6.22 -3.80 -4.57
C GLN A 266 6.73 -2.57 -5.33
N GLN A 267 7.92 -2.68 -5.95
CA GLN A 267 8.43 -1.59 -6.79
C GLN A 267 7.46 -1.17 -7.89
N ASN A 268 6.62 -2.10 -8.37
CA ASN A 268 5.70 -1.88 -9.47
C ASN A 268 4.21 -1.68 -9.00
N SER A 269 3.98 -1.63 -7.70
CA SER A 269 2.62 -1.39 -7.16
C SER A 269 2.50 -0.07 -6.37
N PHE A 270 2.87 -0.07 -5.12
CA PHE A 270 2.78 1.16 -4.35
C PHE A 270 4.17 1.71 -4.04
N TYR A 271 5.22 0.93 -4.29
CA TYR A 271 6.62 1.31 -4.05
C TYR A 271 7.10 1.42 -2.61
N THR A 272 6.72 2.45 -1.87
CA THR A 272 7.31 2.69 -0.58
C THR A 272 6.23 2.81 0.49
N CYS A 273 6.58 2.50 1.74
CA CYS A 273 5.66 2.73 2.86
C CYS A 273 6.02 4.04 3.56
N ALA A 274 5.07 4.55 4.33
CA ALA A 274 5.22 5.84 5.00
C ALA A 274 6.45 5.86 5.87
N THR A 275 7.18 6.97 5.74
CA THR A 275 8.39 7.19 6.51
C THR A 275 8.16 7.39 8.01
N PRO A 276 7.21 8.26 8.41
CA PRO A 276 7.03 8.56 9.86
C PRO A 276 6.64 7.35 10.71
N LEU A 277 5.77 6.48 10.18
CA LEU A 277 5.36 5.25 10.84
C LEU A 277 6.52 4.29 10.92
N GLN A 278 7.23 4.09 9.81
CA GLN A 278 8.40 3.19 9.85
C GLN A 278 9.49 3.66 10.81
N ALA A 279 9.71 4.98 10.90
CA ALA A 279 10.71 5.57 11.83
C ALA A 279 10.33 5.31 13.30
N ALA A 280 9.07 5.59 13.64
CA ALA A 280 8.58 5.36 14.97
C ALA A 280 8.59 3.89 15.39
N LEU A 281 8.23 3.03 14.44
CA LEU A 281 8.18 1.59 14.66
C LEU A 281 9.58 1.01 14.97
N ALA A 282 10.59 1.44 14.21
CA ALA A 282 11.99 1.05 14.45
C ALA A 282 12.33 1.32 15.94
N GLU A 283 12.01 2.52 16.41
CA GLU A 283 12.30 2.90 17.80
C GLU A 283 11.59 2.06 18.83
N ALA A 284 10.29 1.79 18.59
CA ALA A 284 9.47 0.89 19.39
C ALA A 284 10.08 -0.49 19.51
N PHE A 285 10.46 -1.10 18.36
CA PHE A 285 11.20 -2.35 18.32
C PHE A 285 12.47 -2.33 19.20
N TRP A 286 13.33 -1.29 19.05
CA TRP A 286 14.57 -1.22 19.82
C TRP A 286 14.25 -1.18 21.31
N ILE A 287 13.21 -0.44 21.71
CA ILE A 287 12.85 -0.33 23.12
C ILE A 287 12.48 -1.70 23.67
N ASP A 288 11.75 -2.51 22.89
CA ASP A 288 11.36 -3.84 23.34
C ASP A 288 12.36 -4.94 23.06
N ILE A 289 13.03 -4.89 21.91
CA ILE A 289 14.17 -5.77 21.66
C ILE A 289 15.16 -5.78 22.83
N LYS A 290 15.41 -4.64 23.45
CA LYS A 290 16.46 -4.57 24.48
C LYS A 290 16.02 -5.09 25.85
N ARG A 291 14.75 -5.46 26.00
CA ARG A 291 14.29 -6.02 27.27
C ARG A 291 13.54 -7.32 27.03
N MET A 292 13.94 -8.07 26.01
CA MET A 292 13.15 -9.22 25.60
C MET A 292 12.96 -10.25 26.71
N ASP A 293 13.92 -10.28 27.64
CA ASP A 293 13.86 -11.23 28.74
C ASP A 293 13.18 -10.68 29.97
N ASP A 294 12.69 -9.45 29.90
CA ASP A 294 11.98 -8.87 31.00
C ASP A 294 10.44 -8.95 30.84
N PRO A 295 9.71 -9.12 31.96
CA PRO A 295 8.23 -9.17 31.90
C PRO A 295 7.64 -7.94 31.26
N GLU A 296 8.32 -6.81 31.39
CA GLU A 296 7.80 -5.52 30.96
C GLU A 296 7.94 -5.31 29.43
N CYS A 297 8.66 -6.21 28.77
CA CYS A 297 8.72 -6.25 27.32
C CYS A 297 7.30 -6.43 26.80
N TYR A 298 6.91 -5.63 25.81
CA TYR A 298 5.57 -5.74 25.25
C TYR A 298 5.27 -7.11 24.62
N PHE A 299 6.31 -7.78 24.12
CA PHE A 299 6.18 -9.11 23.54
C PHE A 299 5.75 -10.13 24.60
N ASN A 300 6.13 -9.87 25.86
CA ASN A 300 5.72 -10.70 27.02
C ASN A 300 4.50 -10.15 27.72
N SER A 301 4.42 -8.85 27.93
CA SER A 301 3.29 -8.37 28.74
C SER A 301 1.95 -8.43 27.98
N LEU A 302 1.92 -8.25 26.65
CA LEU A 302 0.58 -8.29 26.02
C LEU A 302 -0.08 -9.69 26.10
N PRO A 303 0.61 -10.79 25.70
CA PRO A 303 -0.12 -12.09 25.82
C PRO A 303 -0.50 -12.40 27.29
N LYS A 304 0.29 -11.95 28.25
CA LYS A 304 0.03 -12.20 29.66
C LYS A 304 -1.29 -11.53 30.08
N GLU A 305 -1.47 -10.28 29.66
CA GLU A 305 -2.67 -9.51 29.79
C GLU A 305 -3.86 -10.09 29.00
N LEU A 306 -3.60 -10.58 27.79
CA LEU A 306 -4.67 -11.17 26.99
C LEU A 306 -5.11 -12.52 27.51
N GLU A 307 -4.20 -13.27 28.12
CA GLU A 307 -4.61 -14.57 28.66
C GLU A 307 -5.69 -14.45 29.71
N VAL A 308 -5.61 -13.38 30.50
CA VAL A 308 -6.61 -13.07 31.53
C VAL A 308 -7.98 -12.74 30.91
N LYS A 309 -7.97 -11.91 29.88
CA LYS A 309 -9.18 -11.54 29.14
C LYS A 309 -9.80 -12.70 28.40
N ARG A 310 -8.96 -13.53 27.81
CA ARG A 310 -9.41 -14.75 27.20
C ARG A 310 -10.21 -15.57 28.20
N ASP A 311 -9.61 -15.88 29.34
CA ASP A 311 -10.26 -16.69 30.38
C ASP A 311 -11.59 -16.10 30.83
N ARG A 312 -11.61 -14.77 31.03
CA ARG A 312 -12.85 -14.06 31.39
C ARG A 312 -13.94 -14.29 30.35
N MET A 313 -13.56 -14.14 29.08
CA MET A 313 -14.42 -14.43 27.93
C MET A 313 -14.94 -15.85 27.83
N VAL A 314 -14.09 -16.85 28.00
CA VAL A 314 -14.64 -18.18 28.06
C VAL A 314 -15.68 -18.37 29.16
N ARG A 315 -15.53 -17.67 30.30
CA ARG A 315 -16.51 -17.82 31.37
C ARG A 315 -17.81 -17.15 31.01
N LEU A 316 -17.70 -15.98 30.38
CA LEU A 316 -18.86 -15.25 29.92
C LEU A 316 -19.68 -16.02 28.89
N LEU A 317 -19.02 -16.69 27.93
CA LEU A 317 -19.71 -17.44 26.87
C LEU A 317 -20.42 -18.67 27.46
N ASN A 318 -19.75 -19.31 28.40
CA ASN A 318 -20.28 -20.45 29.14
C ASN A 318 -21.56 -20.13 29.89
N SER A 319 -21.59 -18.96 30.54
CA SER A 319 -22.74 -18.56 31.35
C SER A 319 -24.09 -18.51 30.58
N VAL A 320 -24.02 -18.41 29.25
CA VAL A 320 -25.20 -18.24 28.40
C VAL A 320 -25.43 -19.54 27.57
N GLY A 321 -24.58 -20.54 27.73
CA GLY A 321 -24.68 -21.79 27.01
C GLY A 321 -23.97 -21.85 25.64
N LEU A 322 -23.09 -20.87 25.38
CA LEU A 322 -22.26 -20.91 24.17
C LEU A 322 -21.02 -21.81 24.45
N LYS A 323 -20.77 -22.81 23.62
CA LYS A 323 -19.65 -23.70 23.82
C LYS A 323 -18.36 -23.02 23.25
N PRO A 324 -17.54 -22.36 24.14
CA PRO A 324 -16.32 -21.78 23.60
C PRO A 324 -15.23 -22.77 23.24
N ILE A 325 -14.50 -22.50 22.16
CA ILE A 325 -13.22 -23.20 21.93
C ILE A 325 -12.07 -22.34 22.47
N VAL A 326 -11.50 -22.71 23.62
CA VAL A 326 -10.42 -21.93 24.26
C VAL A 326 -9.19 -21.87 23.30
N PRO A 327 -8.84 -20.66 22.82
CA PRO A 327 -7.73 -20.53 21.87
C PRO A 327 -6.33 -20.67 22.56
N ASP A 328 -5.38 -21.36 21.88
CA ASP A 328 -3.98 -21.48 22.31
C ASP A 328 -3.23 -20.14 22.14
N GLY A 329 -3.78 -19.30 21.25
CA GLY A 329 -3.12 -18.12 20.78
C GLY A 329 -4.09 -17.17 20.10
N GLY A 330 -3.64 -15.94 19.85
CA GLY A 330 -4.45 -14.91 19.20
C GLY A 330 -5.42 -14.22 20.15
N TYR A 331 -6.27 -13.39 19.61
CA TYR A 331 -7.21 -12.68 20.43
C TYR A 331 -8.65 -12.85 19.95
N PHE A 332 -8.92 -14.00 19.35
CA PHE A 332 -10.31 -14.36 18.97
C PHE A 332 -10.71 -15.64 19.68
N ILE A 333 -12.00 -15.75 19.98
CA ILE A 333 -12.54 -17.01 20.46
C ILE A 333 -13.82 -17.41 19.71
N ILE A 334 -13.89 -18.68 19.30
CA ILE A 334 -15.10 -19.22 18.67
C ILE A 334 -15.97 -19.88 19.74
N ALA A 335 -17.27 -19.67 19.64
CA ALA A 335 -18.27 -20.43 20.40
C ALA A 335 -19.24 -21.10 19.43
N ASP A 336 -19.57 -22.35 19.70
CA ASP A 336 -20.69 -23.03 19.04
C ASP A 336 -21.97 -22.46 19.65
N VAL A 337 -22.84 -21.91 18.80
CA VAL A 337 -24.06 -21.30 19.27
C VAL A 337 -25.28 -22.21 19.17
N SER A 338 -25.13 -23.45 18.73
CA SER A 338 -26.32 -24.19 18.36
C SER A 338 -27.18 -24.68 19.58
N SER A 339 -26.58 -24.80 20.75
CA SER A 339 -27.35 -25.22 21.92
C SER A 339 -28.28 -24.10 22.44
N LEU A 340 -28.22 -22.92 21.86
CA LEU A 340 -29.20 -21.90 22.21
C LEU A 340 -30.53 -22.10 21.46
N GLY A 341 -30.50 -22.91 20.40
CA GLY A 341 -31.63 -23.06 19.46
C GLY A 341 -32.39 -21.74 19.28
N ALA A 342 -31.68 -20.70 18.86
CA ALA A 342 -32.28 -19.36 18.83
C ALA A 342 -33.44 -19.17 17.83
N ASP A 343 -34.07 -18.01 18.01
CA ASP A 343 -35.35 -17.59 17.43
C ASP A 343 -35.23 -16.95 16.02
N LEU A 344 -34.58 -17.67 15.09
CA LEU A 344 -34.17 -17.15 13.77
C LEU A 344 -35.21 -17.51 12.71
N SER A 345 -36.39 -17.86 13.24
CA SER A 345 -37.49 -18.49 12.51
C SER A 345 -37.84 -17.72 11.23
N ASP A 346 -37.85 -16.39 11.37
CA ASP A 346 -38.25 -15.52 10.27
C ASP A 346 -37.11 -14.52 9.84
N MET A 347 -35.91 -15.09 9.62
CA MET A 347 -34.88 -14.49 8.78
C MET A 347 -34.80 -15.42 7.55
N ASN A 348 -35.38 -14.98 6.45
CA ASN A 348 -35.75 -15.90 5.38
C ASN A 348 -34.77 -15.89 4.19
N SER A 349 -33.59 -15.33 4.41
CA SER A 349 -32.56 -15.37 3.40
C SER A 349 -31.93 -16.78 3.30
N ASP A 350 -31.01 -16.91 2.37
CA ASP A 350 -30.26 -18.13 2.16
C ASP A 350 -28.84 -17.98 2.79
N GLU A 351 -28.71 -17.02 3.72
CA GLU A 351 -27.47 -16.87 4.50
C GLU A 351 -27.17 -18.10 5.42
N PRO A 352 -25.88 -18.33 5.73
CA PRO A 352 -25.59 -19.41 6.70
C PRO A 352 -26.17 -19.04 8.05
N TYR A 353 -26.46 -20.06 8.83
CA TYR A 353 -27.00 -19.98 10.18
C TYR A 353 -26.28 -18.95 11.06
N ASP A 354 -24.94 -19.02 11.08
CA ASP A 354 -24.14 -18.08 11.88
C ASP A 354 -24.37 -16.60 11.52
N TYR A 355 -24.56 -16.26 10.26
CA TYR A 355 -24.89 -14.88 9.91
C TYR A 355 -26.22 -14.44 10.51
N LYS A 356 -27.25 -15.27 10.35
CA LYS A 356 -28.56 -15.04 10.95
C LYS A 356 -28.41 -14.93 12.47
N PHE A 357 -27.69 -15.86 13.08
CA PHE A 357 -27.48 -15.75 14.51
C PHE A 357 -26.85 -14.41 14.90
N VAL A 358 -25.81 -13.99 14.19
CA VAL A 358 -25.17 -12.74 14.53
C VAL A 358 -26.10 -11.51 14.36
N LYS A 359 -26.85 -11.45 13.26
CA LYS A 359 -27.86 -10.39 13.09
C LYS A 359 -28.91 -10.36 14.24
N TRP A 360 -29.39 -11.55 14.62
CA TRP A 360 -30.27 -11.76 15.76
C TRP A 360 -29.66 -11.34 17.10
N MET A 361 -28.41 -11.73 17.36
CA MET A 361 -27.74 -11.31 18.59
C MET A 361 -27.52 -9.79 18.64
N THR A 362 -27.16 -9.21 17.50
CA THR A 362 -26.94 -7.77 17.43
C THR A 362 -28.24 -7.02 17.76
N LYS A 363 -29.32 -7.35 17.07
CA LYS A 363 -30.62 -6.72 17.30
C LYS A 363 -31.19 -6.92 18.72
N HIS A 364 -31.30 -8.15 19.17
CA HIS A 364 -31.90 -8.48 20.45
C HIS A 364 -31.02 -8.27 21.66
N LYS A 365 -29.74 -8.65 21.61
CA LYS A 365 -28.87 -8.68 22.78
C LYS A 365 -27.89 -7.50 22.80
N LYS A 366 -27.81 -6.78 21.67
CA LYS A 366 -26.94 -5.61 21.53
C LYS A 366 -25.43 -5.95 21.57
N LEU A 367 -25.10 -7.08 20.97
CA LEU A 367 -23.74 -7.60 20.98
C LEU A 367 -23.47 -8.17 19.60
N THR A 368 -22.37 -7.75 18.96
CA THR A 368 -22.03 -8.29 17.65
C THR A 368 -20.79 -9.15 17.73
N ALA A 369 -20.72 -10.10 16.79
CA ALA A 369 -19.59 -10.97 16.59
C ALA A 369 -19.47 -11.28 15.09
N ILE A 370 -18.56 -12.18 14.74
CA ILE A 370 -18.32 -12.54 13.32
C ILE A 370 -18.65 -13.98 13.07
N PRO A 371 -19.48 -14.25 12.06
CA PRO A 371 -19.79 -15.63 11.64
C PRO A 371 -18.56 -16.36 11.07
N VAL A 372 -18.24 -17.55 11.58
CA VAL A 372 -17.04 -18.28 11.14
C VAL A 372 -17.20 -18.72 9.66
N SER A 373 -18.44 -18.88 9.20
CA SER A 373 -18.62 -19.24 7.81
C SER A 373 -18.07 -18.15 6.90
N ALA A 374 -17.76 -16.95 7.42
CA ALA A 374 -17.07 -15.89 6.63
C ALA A 374 -15.63 -16.31 6.27
N PHE A 375 -15.11 -17.32 6.96
CA PHE A 375 -13.75 -17.78 6.77
C PHE A 375 -13.71 -19.16 6.07
N CYS A 376 -14.78 -19.48 5.36
CA CYS A 376 -14.99 -20.80 4.75
C CYS A 376 -15.35 -20.65 3.29
N ASP A 377 -14.85 -21.57 2.45
CA ASP A 377 -15.26 -21.68 1.03
C ASP A 377 -16.70 -22.28 0.97
N SER A 378 -17.42 -22.06 -0.13
CA SER A 378 -18.81 -22.55 -0.23
C SER A 378 -19.05 -23.95 0.25
N LYS A 379 -18.24 -24.92 -0.15
CA LYS A 379 -18.52 -26.29 0.30
C LYS A 379 -18.27 -26.55 1.78
N SER A 380 -17.47 -25.71 2.43
CA SER A 380 -17.06 -25.92 3.82
C SER A 380 -18.09 -25.29 4.73
N LYS A 381 -18.74 -24.23 4.24
CA LYS A 381 -19.76 -23.47 5.07
C LYS A 381 -20.70 -24.30 5.97
N PRO A 382 -21.41 -25.35 5.41
CA PRO A 382 -22.31 -26.13 6.30
C PRO A 382 -21.59 -26.82 7.47
N HIS A 383 -20.28 -27.00 7.38
CA HIS A 383 -19.51 -27.70 8.41
C HIS A 383 -19.02 -26.80 9.52
N PHE A 384 -19.16 -25.48 9.34
CA PHE A 384 -18.70 -24.49 10.31
C PHE A 384 -19.75 -23.43 10.67
N GLU A 385 -20.96 -23.53 10.14
CA GLU A 385 -21.92 -22.44 10.26
C GLU A 385 -22.67 -22.31 11.59
N LYS A 386 -22.35 -23.15 12.57
CA LYS A 386 -22.93 -22.98 13.91
C LYS A 386 -21.95 -22.24 14.85
N LEU A 387 -20.91 -21.71 14.24
CA LEU A 387 -19.78 -21.19 14.99
C LEU A 387 -19.67 -19.70 14.82
N VAL A 388 -19.43 -18.98 15.92
CA VAL A 388 -19.32 -17.53 15.89
C VAL A 388 -18.04 -17.08 16.59
N ARG A 389 -17.35 -16.09 16.02
CA ARG A 389 -16.04 -15.64 16.52
C ARG A 389 -16.15 -14.30 17.29
N PHE A 390 -15.59 -14.27 18.49
CA PHE A 390 -15.64 -13.12 19.41
C PHE A 390 -14.21 -12.58 19.64
N CYS A 391 -14.06 -11.27 19.73
CA CYS A 391 -12.74 -10.68 19.86
C CYS A 391 -12.54 -10.20 21.29
N PHE A 392 -11.36 -10.46 21.88
CA PHE A 392 -11.13 -10.03 23.23
C PHE A 392 -9.93 -9.12 23.41
N ILE A 393 -9.39 -8.50 22.36
CA ILE A 393 -8.41 -7.48 22.60
C ILE A 393 -9.13 -6.13 22.97
N LYS A 394 -9.69 -6.10 24.18
CA LYS A 394 -10.64 -5.04 24.56
C LYS A 394 -10.32 -4.59 25.95
N LYS A 395 -10.60 -3.34 26.25
CA LYS A 395 -10.38 -2.85 27.60
C LYS A 395 -11.43 -3.44 28.53
N ASP A 396 -11.06 -3.55 29.80
CA ASP A 396 -11.99 -4.10 30.82
C ASP A 396 -13.42 -3.59 30.78
N SER A 397 -13.58 -2.27 30.68
CA SER A 397 -14.89 -1.63 30.58
C SER A 397 -15.74 -2.14 29.41
N THR A 398 -15.07 -2.53 28.32
CA THR A 398 -15.76 -3.06 27.17
C THR A 398 -16.23 -4.46 27.53
N LEU A 399 -15.34 -5.24 28.12
CA LEU A 399 -15.75 -6.57 28.57
C LEU A 399 -16.75 -6.57 29.75
N ASP A 400 -16.70 -5.55 30.61
CA ASP A 400 -17.80 -5.22 31.57
C ASP A 400 -19.15 -5.06 30.88
N ALA A 401 -19.22 -4.21 29.85
CA ALA A 401 -20.47 -4.02 29.06
C ALA A 401 -20.98 -5.34 28.44
N ALA A 402 -20.05 -6.12 27.90
CA ALA A 402 -20.34 -7.47 27.43
C ALA A 402 -20.93 -8.34 28.54
N GLU A 403 -20.37 -8.24 29.77
CA GLU A 403 -20.81 -9.06 30.92
C GLU A 403 -22.25 -8.68 31.37
N GLU A 404 -22.54 -7.38 31.40
CA GLU A 404 -23.88 -6.89 31.61
C GLU A 404 -24.90 -7.54 30.67
N ILE A 405 -24.54 -7.72 29.39
CA ILE A 405 -25.41 -8.41 28.40
C ILE A 405 -25.55 -9.91 28.66
N PHE A 406 -24.45 -10.58 28.98
CA PHE A 406 -24.55 -12.02 29.28
C PHE A 406 -25.36 -12.30 30.59
N ARG A 407 -25.29 -11.41 31.58
CA ARG A 407 -26.01 -11.61 32.84
C ARG A 407 -27.53 -11.47 32.70
N ALA A 408 -27.92 -10.51 31.87
CA ALA A 408 -29.31 -10.21 31.49
C ALA A 408 -29.86 -11.07 30.36
N TRP A 409 -29.13 -12.08 29.90
CA TRP A 409 -29.52 -12.74 28.65
C TRP A 409 -30.87 -13.48 28.75
N ASN A 410 -31.11 -14.21 29.85
CA ASN A 410 -32.45 -14.78 30.14
C ASN A 410 -33.08 -14.28 31.45
N ASN B 1 10.37 -16.32 -10.16
CA ASN B 1 9.30 -15.27 -10.35
C ASN B 1 8.09 -15.74 -11.10
N ALA B 2 6.93 -15.26 -10.69
CA ALA B 2 5.72 -15.31 -11.50
C ALA B 2 5.98 -14.63 -12.84
N LYS B 3 5.32 -15.15 -13.88
CA LYS B 3 5.39 -14.69 -15.26
C LYS B 3 5.08 -13.22 -15.39
N ARG B 4 4.14 -12.73 -14.58
CA ARG B 4 3.58 -11.36 -14.69
C ARG B 4 4.62 -10.29 -14.42
N ILE B 5 5.66 -10.65 -13.65
CA ILE B 5 6.69 -9.69 -13.28
C ILE B 5 7.97 -10.01 -14.05
N GLU B 6 7.88 -10.91 -15.05
CA GLU B 6 9.03 -11.22 -15.92
C GLU B 6 9.63 -9.95 -16.56
N GLY B 7 10.92 -9.71 -16.32
CA GLY B 7 11.57 -8.54 -16.91
C GLY B 7 11.22 -7.21 -16.27
N LEU B 8 10.47 -7.23 -15.16
CA LEU B 8 10.03 -5.97 -14.53
C LEU B 8 10.78 -5.70 -13.25
N ASP B 9 11.82 -6.51 -12.98
CA ASP B 9 12.66 -6.36 -11.81
C ASP B 9 13.65 -5.21 -11.86
N SER B 10 13.97 -4.72 -13.05
CA SER B 10 14.82 -3.56 -13.11
C SER B 10 13.99 -2.29 -12.86
N ASN B 11 14.54 -1.44 -12.01
CA ASN B 11 13.86 -0.23 -11.66
C ASN B 11 14.88 0.89 -11.73
N VAL B 12 14.50 1.94 -12.45
CA VAL B 12 15.32 3.13 -12.66
C VAL B 12 15.92 3.76 -11.32
N TRP B 13 15.04 3.93 -10.34
CA TRP B 13 15.37 4.47 -9.02
C TRP B 13 16.24 3.54 -8.14
N VAL B 14 15.97 2.23 -8.21
CA VAL B 14 16.86 1.22 -7.62
C VAL B 14 18.29 1.37 -8.20
N GLU B 15 18.39 1.48 -9.53
CA GLU B 15 19.68 1.78 -10.21
C GLU B 15 20.46 3.06 -9.78
N PHE B 16 19.76 4.20 -9.65
CA PHE B 16 20.37 5.48 -9.21
C PHE B 16 20.86 5.47 -7.75
N THR B 17 20.78 4.30 -7.12
CA THR B 17 21.40 4.09 -5.81
C THR B 17 22.94 4.04 -5.93
N LYS B 18 23.50 4.75 -6.92
CA LYS B 18 24.93 5.05 -6.92
C LYS B 18 25.14 6.41 -6.25
N LEU B 19 25.71 7.36 -6.99
CA LEU B 19 26.19 8.62 -6.37
C LEU B 19 25.13 9.71 -6.08
N ALA B 20 24.16 9.31 -5.25
CA ALA B 20 23.42 10.20 -4.36
C ALA B 20 24.12 10.11 -2.99
N ALA B 21 24.77 8.96 -2.76
CA ALA B 21 25.41 8.54 -1.49
C ALA B 21 26.51 9.47 -0.93
N ASP B 22 27.60 9.65 -1.69
CA ASP B 22 28.74 10.52 -1.29
C ASP B 22 28.30 11.85 -0.65
N PRO B 23 28.76 12.10 0.61
CA PRO B 23 28.43 13.27 1.47
C PRO B 23 28.49 14.68 0.86
N SER B 24 29.50 14.99 0.02
CA SER B 24 29.76 16.37 -0.46
C SER B 24 28.98 16.82 -1.70
N VAL B 25 28.27 15.87 -2.33
CA VAL B 25 27.44 16.11 -3.52
C VAL B 25 26.12 16.83 -3.20
N VAL B 26 25.78 17.86 -3.99
CA VAL B 26 24.46 18.52 -3.90
C VAL B 26 23.49 17.73 -4.79
N ASN B 27 22.50 17.08 -4.18
CA ASN B 27 21.59 16.20 -4.92
C ASN B 27 20.46 17.05 -5.44
N LEU B 28 20.39 17.19 -6.77
CA LEU B 28 19.26 17.85 -7.43
C LEU B 28 18.52 16.86 -8.35
N GLY B 29 18.60 15.59 -7.98
CA GLY B 29 18.16 14.43 -8.76
C GLY B 29 16.73 14.06 -8.38
N GLN B 30 16.58 13.09 -7.45
CA GLN B 30 15.26 12.61 -7.00
C GLN B 30 14.39 13.74 -6.48
N GLY B 31 13.07 13.58 -6.57
CA GLY B 31 12.09 14.58 -6.10
C GLY B 31 11.95 14.52 -4.58
N PHE B 32 13.02 14.85 -3.87
CA PHE B 32 13.00 14.80 -2.39
C PHE B 32 13.01 16.26 -1.92
N PRO B 33 11.85 16.82 -1.47
CA PRO B 33 11.82 18.18 -0.91
C PRO B 33 12.76 18.26 0.29
N ASP B 34 13.63 19.27 0.35
CA ASP B 34 14.33 19.47 1.63
C ASP B 34 13.85 20.75 2.31
N ILE B 35 12.79 21.35 1.78
CA ILE B 35 12.05 22.39 2.49
C ILE B 35 11.23 21.70 3.57
N SER B 36 10.77 22.46 4.55
CA SER B 36 9.89 21.97 5.60
C SER B 36 8.44 21.82 5.15
N PRO B 37 7.78 20.72 5.56
CA PRO B 37 6.33 20.64 5.39
C PRO B 37 5.72 21.84 6.13
N PRO B 38 4.49 22.26 5.81
CA PRO B 38 3.88 23.25 6.68
C PRO B 38 3.84 22.79 8.17
N SER B 39 4.04 23.70 9.13
CA SER B 39 4.12 23.36 10.58
C SER B 39 2.89 22.58 11.09
N TYR B 40 1.69 23.02 10.67
CA TYR B 40 0.42 22.39 11.03
C TYR B 40 0.16 20.99 10.50
N VAL B 41 0.81 20.63 9.39
CA VAL B 41 0.78 19.29 8.85
C VAL B 41 1.47 18.32 9.85
N LYS B 42 2.66 18.73 10.30
CA LYS B 42 3.49 18.07 11.31
C LYS B 42 2.82 17.95 12.73
N GLU B 43 2.32 19.09 13.22
CA GLU B 43 1.51 19.19 14.45
C GLU B 43 0.26 18.31 14.40
N GLU B 44 -0.38 18.22 13.23
CA GLU B 44 -1.61 17.45 13.14
C GLU B 44 -1.31 15.94 13.21
N LEU B 45 -0.15 15.53 12.71
CA LEU B 45 0.30 14.13 12.83
C LEU B 45 0.63 13.76 14.26
N SER B 46 1.40 14.62 14.94
CA SER B 46 1.62 14.53 16.38
C SER B 46 0.32 14.41 17.19
N LYS B 47 -0.67 15.25 16.91
CA LYS B 47 -1.95 15.15 17.58
C LYS B 47 -2.74 13.87 17.33
N ALA B 48 -2.76 13.38 16.09
CA ALA B 48 -3.39 12.08 15.78
C ALA B 48 -2.69 10.91 16.50
N ALA B 49 -1.37 10.99 16.59
CA ALA B 49 -0.55 10.02 17.30
C ALA B 49 -1.03 9.77 18.74
N PHE B 50 -1.53 10.81 19.41
CA PHE B 50 -1.90 10.66 20.82
C PHE B 50 -3.34 10.25 21.03
N ILE B 51 -4.11 10.13 19.95
CA ILE B 51 -5.49 9.64 20.05
C ILE B 51 -5.51 8.13 19.74
N ASP B 52 -5.86 7.30 20.71
CA ASP B 52 -5.78 5.85 20.57
C ASP B 52 -6.49 5.31 19.33
N ASN B 53 -7.75 5.67 19.13
CA ASN B 53 -8.54 5.32 17.95
C ASN B 53 -7.94 5.68 16.58
N MET B 54 -7.16 6.79 16.54
CA MET B 54 -6.43 7.21 15.34
C MET B 54 -5.23 6.30 15.08
N ASN B 55 -4.98 5.35 15.97
CA ASN B 55 -3.92 4.34 15.75
C ASN B 55 -4.48 3.00 15.34
N GLN B 56 -5.81 2.90 15.22
CA GLN B 56 -6.47 1.62 14.87
C GLN B 56 -7.09 1.74 13.52
N TYR B 57 -7.49 0.59 12.96
CA TYR B 57 -8.04 0.50 11.61
C TYR B 57 -9.11 1.52 11.34
N THR B 58 -9.12 2.09 10.14
CA THR B 58 -10.19 3.04 9.70
C THR B 58 -10.93 2.44 8.50
N ARG B 59 -11.93 3.13 7.99
CA ARG B 59 -12.57 2.75 6.73
C ARG B 59 -11.53 2.38 5.61
N GLY B 60 -11.71 1.21 5.02
CA GLY B 60 -10.84 0.62 4.00
C GLY B 60 -10.58 1.45 2.76
N PHE B 61 -11.60 2.16 2.27
CA PHE B 61 -11.51 2.94 1.04
C PHE B 61 -11.12 4.42 1.26
N GLY B 62 -10.97 4.78 2.54
CA GLY B 62 -10.50 6.08 2.98
C GLY B 62 -11.13 6.53 4.29
N HIS B 63 -10.30 6.97 5.22
CA HIS B 63 -10.72 7.61 6.46
C HIS B 63 -11.87 8.55 6.13
N PRO B 64 -13.03 8.43 6.85
CA PRO B 64 -14.21 9.27 6.57
C PRO B 64 -13.94 10.76 6.61
N ALA B 65 -13.22 11.29 7.59
CA ALA B 65 -12.89 12.73 7.56
C ALA B 65 -12.07 13.19 6.31
N LEU B 66 -11.28 12.27 5.74
CA LEU B 66 -10.40 12.60 4.64
C LEU B 66 -11.16 12.57 3.33
N VAL B 67 -11.92 11.52 3.10
CA VAL B 67 -12.79 11.50 1.92
C VAL B 67 -13.82 12.65 1.90
N LYS B 68 -14.30 13.08 3.06
CA LYS B 68 -15.23 14.21 3.16
C LYS B 68 -14.52 15.52 2.78
N ALA B 69 -13.32 15.73 3.31
CA ALA B 69 -12.51 16.90 2.97
C ALA B 69 -12.16 16.97 1.45
N LEU B 70 -11.74 15.81 0.90
CA LEU B 70 -11.39 15.68 -0.52
C LEU B 70 -12.64 15.90 -1.40
N SER B 71 -13.78 15.39 -0.94
CA SER B 71 -15.08 15.63 -1.55
C SER B 71 -15.39 17.11 -1.69
N CYS B 72 -15.17 17.83 -0.61
CA CYS B 72 -15.52 19.23 -0.53
C CYS B 72 -14.59 20.12 -1.40
N LEU B 73 -13.26 19.99 -1.20
CA LEU B 73 -12.24 20.57 -2.07
C LEU B 73 -12.44 20.23 -3.58
N TYR B 74 -12.50 18.95 -3.91
CA TYR B 74 -12.53 18.62 -5.31
C TYR B 74 -13.88 18.95 -5.95
N GLY B 75 -14.97 18.79 -5.21
CA GLY B 75 -16.27 19.29 -5.65
C GLY B 75 -16.33 20.78 -6.02
N LYS B 76 -15.56 21.64 -5.34
CA LYS B 76 -15.32 23.04 -5.80
C LYS B 76 -14.57 23.16 -7.12
N ILE B 77 -13.47 22.44 -7.25
CA ILE B 77 -12.72 22.38 -8.50
C ILE B 77 -13.59 21.93 -9.66
N TYR B 78 -14.26 20.81 -9.50
CA TYR B 78 -15.10 20.25 -10.54
C TYR B 78 -16.47 20.92 -10.68
N GLN B 79 -16.90 21.71 -9.67
CA GLN B 79 -18.27 22.25 -9.68
C GLN B 79 -19.25 21.10 -9.80
N ARG B 80 -19.05 20.05 -9.00
CA ARG B 80 -20.04 19.03 -8.91
C ARG B 80 -20.03 18.52 -7.46
N GLN B 81 -21.10 17.82 -7.08
CA GLN B 81 -21.18 17.08 -5.82
C GLN B 81 -20.47 15.76 -6.00
N ILE B 82 -19.33 15.59 -5.33
CA ILE B 82 -18.63 14.32 -5.38
C ILE B 82 -19.04 13.46 -4.17
N ASP B 83 -19.53 12.25 -4.45
CA ASP B 83 -19.82 11.27 -3.42
C ASP B 83 -18.50 10.80 -2.76
N PRO B 84 -18.33 11.07 -1.44
CA PRO B 84 -17.03 10.76 -0.76
C PRO B 84 -16.69 9.28 -0.64
N ASN B 85 -17.73 8.45 -0.59
CA ASN B 85 -17.62 7.00 -0.48
C ASN B 85 -17.58 6.24 -1.80
N GLU B 86 -18.21 6.78 -2.82
CA GLU B 86 -18.33 6.02 -4.07
C GLU B 86 -17.53 6.53 -5.24
N GLU B 87 -17.13 7.78 -5.14
CA GLU B 87 -16.44 8.41 -6.23
C GLU B 87 -15.00 8.78 -5.86
N ILE B 88 -14.53 8.32 -4.71
CA ILE B 88 -13.15 8.54 -4.18
C ILE B 88 -12.59 7.25 -3.62
N LEU B 89 -11.33 6.97 -3.91
CA LEU B 89 -10.58 5.91 -3.25
C LEU B 89 -9.26 6.48 -2.74
N VAL B 90 -9.02 6.47 -1.42
CA VAL B 90 -7.68 6.72 -0.88
C VAL B 90 -6.78 5.47 -1.02
N ALA B 91 -5.61 5.67 -1.65
CA ALA B 91 -4.62 4.59 -1.79
C ALA B 91 -3.24 5.01 -1.29
N VAL B 92 -2.29 4.07 -1.35
CA VAL B 92 -0.90 4.28 -0.96
C VAL B 92 -0.14 5.05 -2.08
N GLY B 93 -0.26 6.36 -2.02
CA GLY B 93 0.33 7.23 -2.96
C GLY B 93 -0.48 7.33 -4.25
N ALA B 94 -0.08 8.30 -5.10
CA ALA B 94 -0.41 8.24 -6.53
C ALA B 94 0.07 6.93 -7.16
N TYR B 95 1.24 6.40 -6.79
CA TYR B 95 1.67 5.06 -7.26
C TYR B 95 0.58 4.00 -7.10
N GLY B 96 0.00 3.95 -5.90
CA GLY B 96 -0.96 2.96 -5.53
C GLY B 96 -2.27 3.14 -6.25
N SER B 97 -2.65 4.40 -6.46
CA SER B 97 -3.83 4.78 -7.24
C SER B 97 -3.71 4.36 -8.71
N LEU B 98 -2.51 4.55 -9.26
CA LEU B 98 -2.20 4.16 -10.63
C LEU B 98 -2.29 2.63 -10.77
N PHE B 99 -1.68 1.91 -9.81
CA PHE B 99 -1.78 0.47 -9.73
C PHE B 99 -3.22 -0.06 -9.61
N ASN B 100 -4.00 0.43 -8.64
CA ASN B 100 -5.44 0.17 -8.57
C ASN B 100 -6.19 0.32 -9.92
N SER B 101 -5.92 1.43 -10.62
CA SER B 101 -6.59 1.75 -11.91
C SER B 101 -6.27 0.78 -13.02
N ILE B 102 -4.99 0.53 -13.22
CA ILE B 102 -4.55 -0.43 -14.22
C ILE B 102 -4.96 -1.87 -13.88
N GLN B 103 -4.69 -2.34 -12.64
CA GLN B 103 -5.13 -3.69 -12.17
C GLN B 103 -6.67 -3.96 -12.27
N GLY B 104 -7.44 -2.92 -12.03
CA GLY B 104 -8.89 -3.07 -11.94
C GLY B 104 -9.62 -2.90 -13.26
N LEU B 105 -8.90 -2.35 -14.25
CA LEU B 105 -9.51 -1.85 -15.50
C LEU B 105 -8.96 -2.38 -16.82
N VAL B 106 -7.75 -2.89 -16.78
CA VAL B 106 -6.93 -3.19 -17.96
C VAL B 106 -6.58 -4.67 -17.96
N ASP B 107 -6.96 -5.31 -19.06
CA ASP B 107 -6.80 -6.73 -19.33
C ASP B 107 -5.53 -7.06 -20.15
N PRO B 108 -5.04 -8.33 -20.05
CA PRO B 108 -4.04 -8.84 -20.98
C PRO B 108 -4.54 -8.61 -22.40
N GLY B 109 -3.66 -8.01 -23.19
CA GLY B 109 -3.95 -7.73 -24.59
C GLY B 109 -4.50 -6.34 -24.90
N ASP B 110 -4.98 -5.62 -23.89
CA ASP B 110 -5.45 -4.25 -24.11
C ASP B 110 -4.24 -3.39 -24.49
N GLU B 111 -4.47 -2.36 -25.28
CA GLU B 111 -3.45 -1.36 -25.49
C GLU B 111 -3.66 -0.17 -24.56
N VAL B 112 -2.56 0.35 -24.03
CA VAL B 112 -2.57 1.58 -23.22
C VAL B 112 -1.63 2.60 -23.83
N ILE B 113 -2.14 3.78 -24.18
CA ILE B 113 -1.33 4.80 -24.82
C ILE B 113 -0.59 5.67 -23.77
N ILE B 114 0.70 5.89 -23.98
CA ILE B 114 1.57 6.59 -23.03
C ILE B 114 2.35 7.60 -23.85
N MET B 115 2.35 8.84 -23.34
CA MET B 115 3.10 9.97 -23.92
C MET B 115 4.50 10.08 -23.37
N VAL B 116 5.48 10.19 -24.27
CA VAL B 116 6.87 10.07 -23.90
C VAL B 116 7.43 11.51 -23.95
N PRO B 117 8.32 11.91 -23.01
CA PRO B 117 8.78 11.14 -21.82
C PRO B 117 7.64 10.90 -20.81
N PHE B 118 7.68 9.74 -20.15
CA PHE B 118 6.67 9.36 -19.15
C PHE B 118 7.29 9.08 -17.81
N TYR B 119 6.57 9.44 -16.74
CA TYR B 119 6.97 9.00 -15.42
C TYR B 119 7.13 7.47 -15.45
N ASP B 120 8.24 6.95 -14.93
CA ASP B 120 8.75 5.63 -15.37
C ASP B 120 7.87 4.42 -15.04
N CYS B 121 7.04 4.50 -14.00
CA CYS B 121 6.23 3.39 -13.54
C CYS B 121 5.07 3.06 -14.47
N TYR B 122 4.73 3.96 -15.41
CA TYR B 122 3.59 3.71 -16.31
C TYR B 122 3.82 2.47 -17.12
N GLU B 123 5.04 2.34 -17.66
CA GLU B 123 5.25 1.26 -18.60
C GLU B 123 5.20 -0.17 -17.96
N PRO B 124 5.97 -0.40 -16.89
CA PRO B 124 5.87 -1.71 -16.20
C PRO B 124 4.48 -1.97 -15.57
N MET B 125 3.79 -0.93 -15.08
CA MET B 125 2.44 -1.20 -14.59
C MET B 125 1.51 -1.72 -15.70
N VAL B 126 1.53 -1.08 -16.90
CA VAL B 126 0.82 -1.70 -18.03
C VAL B 126 1.31 -3.08 -18.47
N ARG B 127 2.61 -3.32 -18.52
CA ARG B 127 3.16 -4.65 -18.78
C ARG B 127 2.75 -5.69 -17.75
N MET B 128 2.72 -5.33 -16.46
CA MET B 128 2.29 -6.28 -15.43
C MET B 128 0.85 -6.73 -15.61
N ALA B 129 0.02 -5.86 -16.14
CA ALA B 129 -1.37 -6.21 -16.40
C ALA B 129 -1.52 -7.02 -17.70
N GLY B 130 -0.41 -7.27 -18.42
CA GLY B 130 -0.42 -8.05 -19.63
C GLY B 130 -0.79 -7.21 -20.84
N ALA B 131 -0.82 -5.89 -20.66
CA ALA B 131 -1.28 -5.00 -21.71
C ALA B 131 -0.05 -4.49 -22.51
N VAL B 132 -0.35 -3.84 -23.63
CA VAL B 132 0.64 -3.34 -24.56
C VAL B 132 0.69 -1.83 -24.49
N PRO B 133 1.84 -1.32 -24.06
CA PRO B 133 2.09 0.10 -24.07
C PRO B 133 2.33 0.55 -25.52
N VAL B 134 1.65 1.63 -25.87
CA VAL B 134 1.72 2.21 -27.19
C VAL B 134 2.24 3.65 -27.01
N PHE B 135 3.46 3.89 -27.45
CA PHE B 135 4.21 5.10 -27.14
C PHE B 135 3.94 6.22 -28.18
N ILE B 136 3.76 7.45 -27.71
CA ILE B 136 3.73 8.58 -28.64
C ILE B 136 4.60 9.61 -27.98
N PRO B 137 5.55 10.24 -28.74
CA PRO B 137 6.38 11.28 -28.06
C PRO B 137 5.82 12.68 -28.15
N LEU B 138 6.07 13.45 -27.10
CA LEU B 138 5.95 14.89 -27.21
C LEU B 138 7.09 15.35 -28.16
N ARG B 139 6.84 16.42 -28.90
CA ARG B 139 7.70 16.91 -29.97
C ARG B 139 7.78 18.43 -29.84
N SER B 140 8.93 18.99 -30.19
CA SER B 140 9.16 20.47 -30.12
C SER B 140 8.53 21.26 -31.23
N LYS B 141 8.20 22.52 -30.91
CA LYS B 141 7.75 23.52 -31.83
C LYS B 141 8.75 24.62 -31.85
N PRO B 142 8.71 25.44 -32.91
CA PRO B 142 9.51 26.65 -32.89
C PRO B 142 9.17 27.52 -31.68
N THR B 143 10.23 28.01 -31.07
CA THR B 143 10.17 28.87 -29.90
C THR B 143 9.76 30.28 -30.35
N ASP B 144 9.34 31.12 -29.41
CA ASP B 144 9.20 32.54 -29.71
C ASP B 144 10.57 33.27 -29.88
N GLY B 145 11.66 32.53 -30.03
CA GLY B 145 12.98 33.14 -30.14
C GLY B 145 13.56 33.58 -28.81
N MET B 146 12.71 34.14 -27.93
CA MET B 146 13.16 34.69 -26.63
C MET B 146 13.74 33.66 -25.63
N LYS B 147 12.93 32.64 -25.29
CA LYS B 147 13.27 31.60 -24.28
C LYS B 147 12.68 30.25 -24.70
N TRP B 148 13.23 29.17 -24.14
CA TRP B 148 12.69 27.82 -24.27
C TRP B 148 11.82 27.43 -23.06
N THR B 149 10.55 27.13 -23.29
CA THR B 149 9.63 26.70 -22.22
C THR B 149 8.89 25.39 -22.58
N SER B 150 8.32 24.72 -21.55
CA SER B 150 7.59 23.47 -21.67
C SER B 150 6.45 23.53 -22.69
N SER B 151 5.89 24.72 -22.87
CA SER B 151 4.81 24.90 -23.81
C SER B 151 5.26 24.84 -25.30
N ASP B 152 6.57 24.75 -25.51
CA ASP B 152 7.15 24.58 -26.84
C ASP B 152 7.22 23.12 -27.20
N TRP B 153 6.63 22.29 -26.33
CA TRP B 153 6.45 20.87 -26.55
C TRP B 153 4.98 20.55 -26.68
N THR B 154 4.61 19.73 -27.63
CA THR B 154 3.24 19.37 -27.77
C THR B 154 3.20 18.01 -28.41
N PHE B 155 2.02 17.55 -28.83
CA PHE B 155 1.91 16.32 -29.57
C PHE B 155 1.11 16.61 -30.83
N ASP B 156 1.28 15.74 -31.82
CA ASP B 156 0.62 15.84 -33.10
C ASP B 156 -0.72 15.11 -32.97
N PRO B 157 -1.88 15.81 -33.15
CA PRO B 157 -3.21 15.16 -32.96
C PRO B 157 -3.48 14.00 -33.91
N ARG B 158 -2.84 14.04 -35.07
CA ARG B 158 -3.02 13.08 -36.14
C ARG B 158 -2.20 11.82 -35.82
N GLU B 159 -1.01 11.98 -35.24
CA GLU B 159 -0.24 10.88 -34.76
C GLU B 159 -0.95 10.22 -33.53
N LEU B 160 -1.54 11.04 -32.65
CA LEU B 160 -2.28 10.53 -31.48
C LEU B 160 -3.44 9.70 -31.98
N GLU B 161 -4.23 10.26 -32.88
CA GLU B 161 -5.35 9.54 -33.44
C GLU B 161 -4.93 8.22 -34.00
N SER B 162 -3.76 8.15 -34.67
CA SER B 162 -3.31 6.89 -35.28
C SER B 162 -2.90 5.80 -34.21
N LYS B 163 -2.73 6.20 -32.95
CA LYS B 163 -2.41 5.29 -31.86
C LYS B 163 -3.68 4.61 -31.33
N PHE B 164 -4.84 5.19 -31.61
CA PHE B 164 -6.10 4.65 -31.12
C PHE B 164 -6.56 3.54 -32.06
N SER B 165 -6.81 2.36 -31.51
CA SER B 165 -7.51 1.34 -32.25
C SER B 165 -8.61 0.78 -31.36
N SER B 166 -9.11 -0.36 -31.79
CA SER B 166 -10.16 -1.08 -31.10
C SER B 166 -9.56 -1.89 -29.98
N LYS B 167 -8.24 -1.98 -29.90
CA LYS B 167 -7.60 -2.58 -28.74
C LYS B 167 -7.32 -1.57 -27.63
N THR B 168 -7.44 -0.27 -27.89
CA THR B 168 -7.11 0.73 -26.87
C THR B 168 -8.09 0.62 -25.70
N LYS B 169 -7.53 0.46 -24.49
CA LYS B 169 -8.34 0.45 -23.28
C LYS B 169 -8.29 1.82 -22.69
N ALA B 170 -7.09 2.45 -22.73
CA ALA B 170 -6.88 3.72 -22.10
C ALA B 170 -5.67 4.52 -22.59
N ILE B 171 -5.66 5.82 -22.29
CA ILE B 171 -4.51 6.71 -22.38
C ILE B 171 -4.18 7.22 -20.97
N ILE B 172 -2.89 7.24 -20.63
CA ILE B 172 -2.42 7.80 -19.37
C ILE B 172 -2.01 9.22 -19.65
N LEU B 173 -2.59 10.17 -18.92
CA LEU B 173 -2.26 11.55 -19.03
C LEU B 173 -1.53 12.01 -17.77
N ASN B 174 -0.49 12.81 -17.92
CA ASN B 174 0.19 13.36 -16.78
C ASN B 174 0.35 14.89 -16.92
N THR B 175 -0.54 15.65 -16.26
CA THR B 175 -0.39 17.08 -16.25
C THR B 175 -0.62 17.61 -14.88
N PRO B 176 0.22 18.60 -14.45
CA PRO B 176 1.50 19.04 -15.09
C PRO B 176 2.46 17.87 -15.25
N HIS B 177 3.36 17.96 -16.20
CA HIS B 177 4.07 16.79 -16.68
C HIS B 177 5.38 16.64 -15.94
N ASN B 178 5.67 15.40 -15.55
CA ASN B 178 7.01 15.02 -15.13
C ASN B 178 7.66 14.08 -16.19
N PRO B 179 8.79 14.49 -16.82
CA PRO B 179 9.85 15.40 -16.31
C PRO B 179 9.89 16.84 -16.82
N LEU B 180 9.08 17.15 -17.81
CA LEU B 180 9.35 18.33 -18.57
C LEU B 180 8.58 19.57 -18.15
N GLY B 181 7.59 19.42 -17.24
CA GLY B 181 6.99 20.58 -16.60
C GLY B 181 5.88 21.18 -17.42
N LYS B 182 5.33 20.38 -18.35
CA LYS B 182 4.24 20.84 -19.24
C LYS B 182 2.88 20.88 -18.54
N VAL B 183 2.23 22.04 -18.62
CA VAL B 183 0.86 22.20 -18.18
C VAL B 183 0.05 22.07 -19.47
N TYR B 184 -0.58 20.91 -19.69
CA TYR B 184 -1.33 20.68 -20.92
C TYR B 184 -2.44 21.75 -21.06
N THR B 185 -2.63 22.24 -22.28
CA THR B 185 -3.61 23.33 -22.55
C THR B 185 -5.01 22.75 -22.72
N ARG B 186 -6.03 23.56 -22.52
CA ARG B 186 -7.38 23.15 -22.81
C ARG B 186 -7.55 22.50 -24.21
N GLN B 187 -6.87 23.02 -25.23
CA GLN B 187 -6.99 22.49 -26.62
C GLN B 187 -6.33 21.12 -26.81
N GLU B 188 -5.24 20.89 -26.08
CA GLU B 188 -4.63 19.57 -26.00
C GLU B 188 -5.54 18.56 -25.33
N LEU B 189 -6.17 18.95 -24.21
CA LEU B 189 -7.07 18.04 -23.47
C LEU B 189 -8.26 17.67 -24.31
N GLN B 190 -8.73 18.63 -25.09
CA GLN B 190 -9.83 18.45 -25.99
C GLN B 190 -9.56 17.40 -27.09
N VAL B 191 -8.38 17.40 -27.67
CA VAL B 191 -7.99 16.38 -28.61
C VAL B 191 -7.99 15.00 -27.99
N ILE B 192 -7.45 14.86 -26.78
CA ILE B 192 -7.50 13.60 -26.03
C ILE B 192 -8.98 13.17 -25.67
N ALA B 193 -9.80 14.10 -25.15
CA ALA B 193 -11.22 13.88 -24.88
C ALA B 193 -11.99 13.38 -26.10
N ASP B 194 -11.91 14.13 -27.22
CA ASP B 194 -12.52 13.72 -28.50
C ASP B 194 -12.24 12.26 -28.87
N LEU B 195 -10.97 11.85 -28.76
CA LEU B 195 -10.52 10.49 -29.06
C LEU B 195 -10.93 9.40 -28.02
N CYS B 196 -10.96 9.73 -26.72
CA CYS B 196 -11.52 8.80 -25.70
C CYS B 196 -13.04 8.57 -25.84
N VAL B 197 -13.77 9.66 -26.11
CA VAL B 197 -15.17 9.59 -26.47
C VAL B 197 -15.37 8.81 -27.78
N LYS B 198 -14.73 9.22 -28.88
CA LYS B 198 -14.89 8.48 -30.12
C LYS B 198 -14.52 6.97 -30.05
N HIS B 199 -13.50 6.62 -29.25
CA HIS B 199 -13.13 5.21 -29.18
C HIS B 199 -13.72 4.48 -28.01
N ASP B 200 -14.35 5.24 -27.12
CA ASP B 200 -14.87 4.72 -25.86
C ASP B 200 -13.74 4.13 -25.01
N THR B 201 -12.75 4.95 -24.72
CA THR B 201 -11.62 4.52 -23.91
C THR B 201 -11.63 5.27 -22.58
N LEU B 202 -10.80 4.79 -21.66
CA LEU B 202 -10.56 5.44 -20.39
C LEU B 202 -9.45 6.48 -20.53
N CYS B 203 -9.49 7.46 -19.66
CA CYS B 203 -8.38 8.32 -19.45
C CYS B 203 -7.99 8.19 -17.98
N ILE B 204 -6.75 7.81 -17.72
CA ILE B 204 -6.23 7.89 -16.35
C ILE B 204 -5.33 9.12 -16.25
N SER B 205 -5.78 10.09 -15.48
CA SER B 205 -5.12 11.39 -15.39
C SER B 205 -4.34 11.58 -14.07
N ASP B 206 -3.03 11.67 -14.20
CA ASP B 206 -2.13 11.73 -13.08
C ASP B 206 -1.80 13.20 -12.88
N GLU B 207 -2.45 13.80 -11.87
CA GLU B 207 -2.40 15.23 -11.63
C GLU B 207 -1.87 15.53 -10.25
N VAL B 208 -0.81 14.81 -9.83
CA VAL B 208 -0.23 15.03 -8.51
C VAL B 208 0.31 16.45 -8.36
N TYR B 209 0.83 17.03 -9.44
CA TYR B 209 1.40 18.40 -9.40
C TYR B 209 0.43 19.52 -9.67
N GLU B 210 -0.88 19.23 -9.52
CA GLU B 210 -1.96 20.12 -9.94
C GLU B 210 -1.90 21.54 -9.38
N TRP B 211 -1.42 21.71 -8.14
CA TRP B 211 -1.31 23.05 -7.51
C TRP B 211 -0.16 23.87 -8.02
N LEU B 212 0.83 23.18 -8.58
CA LEU B 212 2.15 23.77 -8.87
C LEU B 212 2.19 24.20 -10.33
N VAL B 213 1.42 25.25 -10.65
CA VAL B 213 1.43 25.85 -11.95
C VAL B 213 1.80 27.35 -11.87
N TYR B 214 2.76 27.72 -12.73
CA TYR B 214 3.39 29.03 -12.64
C TYR B 214 2.57 30.03 -13.46
N THR B 215 2.96 31.31 -13.37
CA THR B 215 2.35 32.49 -14.06
C THR B 215 2.06 32.27 -15.54
N GLY B 216 0.82 32.54 -15.95
CA GLY B 216 0.43 32.42 -17.35
C GLY B 216 -0.03 31.03 -17.79
N HIS B 217 -0.35 30.17 -16.81
CA HIS B 217 -0.84 28.81 -17.09
C HIS B 217 -1.92 28.47 -16.06
N THR B 218 -2.81 27.56 -16.42
CA THR B 218 -3.91 27.11 -15.54
C THR B 218 -4.02 25.61 -15.62
N HIS B 219 -4.02 24.99 -14.43
CA HIS B 219 -4.35 23.58 -14.40
C HIS B 219 -5.79 23.37 -14.87
N VAL B 220 -6.01 22.59 -15.93
CA VAL B 220 -7.36 22.21 -16.38
C VAL B 220 -7.43 20.67 -16.25
N LYS B 221 -8.51 20.18 -15.63
CA LYS B 221 -8.79 18.76 -15.47
C LYS B 221 -9.58 18.24 -16.66
N ILE B 222 -9.01 17.31 -17.42
CA ILE B 222 -9.73 16.66 -18.49
C ILE B 222 -11.10 16.05 -18.09
N ALA B 223 -11.25 15.60 -16.83
CA ALA B 223 -12.51 14.99 -16.35
C ALA B 223 -13.66 16.04 -16.33
N THR B 224 -13.29 17.31 -16.49
CA THR B 224 -14.32 18.39 -16.53
C THR B 224 -14.77 18.74 -17.95
N LEU B 225 -14.11 18.14 -18.95
CA LEU B 225 -14.48 18.35 -20.35
C LEU B 225 -15.76 17.54 -20.71
N PRO B 226 -16.56 18.05 -21.67
CA PRO B 226 -17.81 17.30 -21.95
C PRO B 226 -17.56 15.79 -22.20
N GLY B 227 -18.36 14.93 -21.57
CA GLY B 227 -18.29 13.47 -21.81
C GLY B 227 -17.12 12.78 -21.14
N MET B 228 -16.31 13.51 -20.37
CA MET B 228 -15.12 12.89 -19.80
C MET B 228 -15.27 12.36 -18.33
N TRP B 229 -16.20 12.93 -17.57
CA TRP B 229 -16.37 12.57 -16.16
C TRP B 229 -16.63 11.09 -16.07
N GLU B 230 -17.42 10.56 -17.02
CA GLU B 230 -17.77 9.13 -17.02
C GLU B 230 -16.65 8.17 -17.51
N ARG B 231 -15.52 8.68 -18.03
CA ARG B 231 -14.43 7.78 -18.52
C ARG B 231 -13.06 8.09 -17.95
N THR B 232 -13.05 8.88 -16.88
CA THR B 232 -11.79 9.40 -16.39
C THR B 232 -11.59 9.06 -14.91
N ILE B 233 -10.37 8.59 -14.58
CA ILE B 233 -9.87 8.51 -13.22
C ILE B 233 -8.82 9.60 -13.03
N THR B 234 -9.00 10.45 -12.03
CA THR B 234 -8.05 11.55 -11.83
C THR B 234 -7.35 11.31 -10.48
N ILE B 235 -6.03 11.39 -10.52
CA ILE B 235 -5.24 11.00 -9.37
C ILE B 235 -4.59 12.19 -8.65
N GLY B 236 -4.67 12.22 -7.31
CA GLY B 236 -3.93 13.21 -6.56
C GLY B 236 -3.00 12.60 -5.53
N SER B 237 -2.18 13.44 -4.89
CA SER B 237 -1.17 13.01 -3.93
C SER B 237 -0.96 14.00 -2.79
N ALA B 238 -0.98 13.50 -1.57
CA ALA B 238 -0.64 14.24 -0.33
C ALA B 238 0.81 14.69 -0.35
N GLY B 239 1.71 13.81 -0.80
CA GLY B 239 3.12 14.09 -0.82
C GLY B 239 3.46 15.32 -1.61
N LYS B 240 2.70 15.57 -2.68
CA LYS B 240 2.87 16.72 -3.52
C LYS B 240 2.08 17.89 -2.95
N THR B 241 0.82 17.66 -2.61
CA THR B 241 -0.02 18.72 -2.09
C THR B 241 0.53 19.39 -0.80
N PHE B 242 1.08 18.58 0.14
CA PHE B 242 1.54 19.10 1.43
C PHE B 242 3.03 18.95 1.68
N SER B 243 3.81 18.62 0.64
CA SER B 243 5.27 18.48 0.69
C SER B 243 5.73 17.48 1.73
N VAL B 244 5.00 16.37 1.80
CA VAL B 244 5.27 15.28 2.73
C VAL B 244 5.26 13.99 1.92
N THR B 245 6.23 13.88 1.04
CA THR B 245 6.34 12.75 0.17
C THR B 245 6.41 11.41 0.93
N GLY B 246 6.72 11.46 2.22
CA GLY B 246 6.97 10.21 2.96
C GLY B 246 5.68 9.70 3.54
N TRP B 247 4.55 10.38 3.28
CA TRP B 247 3.29 9.95 3.85
C TRP B 247 2.56 8.93 3.01
N LYS B 248 2.90 8.90 1.71
CA LYS B 248 2.39 7.90 0.77
C LYS B 248 0.88 7.76 0.81
N LEU B 249 0.18 8.89 0.66
CA LEU B 249 -1.27 8.89 0.51
C LEU B 249 -1.68 9.62 -0.79
N GLY B 250 -2.44 8.94 -1.64
CA GLY B 250 -2.98 9.55 -2.86
C GLY B 250 -4.44 9.19 -2.99
N TRP B 251 -5.10 9.65 -4.04
CA TRP B 251 -6.50 9.35 -4.19
C TRP B 251 -6.85 9.32 -5.64
N SER B 252 -7.87 8.53 -5.97
CA SER B 252 -8.49 8.50 -7.30
C SER B 252 -9.87 9.09 -7.17
N ILE B 253 -10.23 9.94 -8.11
CA ILE B 253 -11.58 10.47 -8.11
C ILE B 253 -12.22 10.18 -9.44
N GLY B 254 -13.48 9.75 -9.46
CA GLY B 254 -14.17 9.56 -10.73
C GLY B 254 -15.51 8.85 -10.56
N PRO B 255 -16.10 8.35 -11.67
CA PRO B 255 -17.48 7.87 -11.53
C PRO B 255 -17.50 6.52 -10.76
N ALA B 256 -18.62 6.23 -10.12
CA ALA B 256 -18.79 5.05 -9.31
C ALA B 256 -18.52 3.76 -10.05
N HIS B 257 -18.95 3.68 -11.32
CA HIS B 257 -18.80 2.46 -12.08
C HIS B 257 -17.35 2.14 -12.40
N LEU B 258 -16.45 3.11 -12.30
CA LEU B 258 -14.99 2.89 -12.45
C LEU B 258 -14.33 2.76 -11.07
N ILE B 259 -14.63 3.68 -10.17
CA ILE B 259 -14.03 3.68 -8.81
C ILE B 259 -14.27 2.36 -8.05
N LYS B 260 -15.42 1.71 -8.24
CA LYS B 260 -15.65 0.43 -7.57
C LYS B 260 -14.64 -0.67 -7.94
N HIS B 261 -14.12 -0.61 -9.15
CA HIS B 261 -13.15 -1.64 -9.62
C HIS B 261 -11.74 -1.37 -9.03
N LEU B 262 -11.39 -0.11 -8.88
CA LEU B 262 -10.26 0.28 -8.06
C LEU B 262 -10.49 -0.17 -6.61
N GLN B 263 -11.70 0.07 -6.07
CA GLN B 263 -11.98 -0.40 -4.73
C GLN B 263 -11.76 -1.92 -4.56
N THR B 264 -12.12 -2.70 -5.57
CA THR B 264 -11.95 -4.15 -5.58
C THR B 264 -10.47 -4.54 -5.62
N VAL B 265 -9.66 -3.84 -6.40
CA VAL B 265 -8.25 -4.13 -6.31
C VAL B 265 -7.75 -3.91 -4.89
N GLN B 266 -8.07 -2.76 -4.28
CA GLN B 266 -7.52 -2.40 -3.01
C GLN B 266 -7.94 -3.33 -1.87
N GLN B 267 -9.21 -3.69 -1.80
CA GLN B 267 -9.68 -4.66 -0.78
C GLN B 267 -9.00 -5.99 -0.92
N ASN B 268 -8.50 -6.30 -2.11
CA ASN B 268 -7.85 -7.57 -2.36
C ASN B 268 -6.30 -7.53 -2.33
N SER B 269 -5.73 -6.34 -2.11
CA SER B 269 -4.27 -6.16 -2.09
C SER B 269 -3.82 -5.66 -0.73
N PHE B 270 -3.97 -4.40 -0.41
CA PHE B 270 -3.45 -3.84 0.88
C PHE B 270 -4.55 -3.48 1.87
N TYR B 271 -5.74 -3.35 1.31
CA TYR B 271 -6.94 -2.97 1.98
C TYR B 271 -6.94 -1.51 2.50
N THR B 272 -6.42 -1.28 3.68
CA THR B 272 -6.61 -0.04 4.35
C THR B 272 -5.33 0.76 4.36
N CYS B 273 -5.47 2.07 4.27
CA CYS B 273 -4.32 2.97 4.48
C CYS B 273 -4.20 3.38 5.95
N ALA B 274 -3.05 3.94 6.34
CA ALA B 274 -2.79 4.31 7.72
C ALA B 274 -3.76 5.36 8.28
N THR B 275 -4.29 5.08 9.47
CA THR B 275 -5.20 6.01 10.11
C THR B 275 -4.58 7.33 10.57
N PRO B 276 -3.44 7.30 11.30
CA PRO B 276 -3.02 8.63 11.81
C PRO B 276 -2.64 9.64 10.72
N LEU B 277 -2.11 9.16 9.59
CA LEU B 277 -1.68 10.00 8.49
C LEU B 277 -2.88 10.58 7.80
N GLN B 278 -3.89 9.73 7.57
CA GLN B 278 -5.15 10.17 7.03
C GLN B 278 -5.91 11.15 7.96
N ALA B 279 -5.94 10.89 9.27
CA ALA B 279 -6.52 11.86 10.19
C ALA B 279 -5.91 13.25 10.12
N ALA B 280 -4.59 13.29 10.26
CA ALA B 280 -3.81 14.50 10.18
C ALA B 280 -3.96 15.22 8.82
N LEU B 281 -4.01 14.45 7.74
CA LEU B 281 -4.12 14.96 6.37
C LEU B 281 -5.49 15.56 6.17
N ALA B 282 -6.55 14.89 6.63
CA ALA B 282 -7.90 15.52 6.67
C ALA B 282 -7.88 16.94 7.35
N GLU B 283 -7.29 17.07 8.54
CA GLU B 283 -7.12 18.39 9.22
C GLU B 283 -6.24 19.40 8.48
N ALA B 284 -5.11 18.97 7.91
CA ALA B 284 -4.33 19.84 7.04
C ALA B 284 -5.20 20.39 5.90
N PHE B 285 -5.96 19.53 5.23
CA PHE B 285 -6.96 19.94 4.22
C PHE B 285 -7.99 20.97 4.71
N TRP B 286 -8.62 20.74 5.86
CA TRP B 286 -9.69 21.65 6.31
C TRP B 286 -9.13 23.04 6.54
N ILE B 287 -7.92 23.07 7.11
CA ILE B 287 -7.21 24.32 7.34
C ILE B 287 -7.09 25.07 6.02
N ASP B 288 -6.50 24.45 4.98
CA ASP B 288 -6.28 25.16 3.73
C ASP B 288 -7.52 25.38 2.85
N ILE B 289 -8.50 24.49 2.95
CA ILE B 289 -9.77 24.63 2.24
C ILE B 289 -10.56 25.89 2.67
N LYS B 290 -10.45 26.22 3.96
CA LYS B 290 -11.15 27.35 4.54
C LYS B 290 -10.54 28.70 4.14
N ARG B 291 -9.32 28.70 3.62
CA ARG B 291 -8.65 29.93 3.25
C ARG B 291 -8.08 29.96 1.80
N MET B 292 -8.80 29.32 0.87
CA MET B 292 -8.38 29.20 -0.54
C MET B 292 -8.20 30.50 -1.30
N ASP B 293 -9.10 31.43 -1.01
CA ASP B 293 -9.03 32.86 -1.36
C ASP B 293 -7.75 33.60 -1.00
N ASP B 294 -7.16 33.25 0.16
CA ASP B 294 -6.05 33.96 0.79
C ASP B 294 -4.70 33.47 0.29
N PRO B 295 -3.71 34.40 0.19
CA PRO B 295 -2.34 34.09 -0.17
C PRO B 295 -1.62 33.18 0.80
N GLU B 296 -2.23 32.96 1.98
CA GLU B 296 -1.62 32.13 3.03
C GLU B 296 -1.95 30.63 2.86
N CYS B 297 -3.03 30.33 2.14
CA CYS B 297 -3.37 28.99 1.77
C CYS B 297 -2.17 28.31 1.08
N TYR B 298 -1.81 27.14 1.59
CA TYR B 298 -0.69 26.39 1.02
C TYR B 298 -0.85 26.09 -0.48
N PHE B 299 -2.11 25.97 -0.95
CA PHE B 299 -2.39 25.74 -2.36
C PHE B 299 -1.85 26.93 -3.21
N ASN B 300 -1.81 28.13 -2.60
CA ASN B 300 -1.37 29.41 -3.25
C ASN B 300 0.07 29.73 -2.99
N SER B 301 0.47 29.61 -1.72
CA SER B 301 1.77 30.03 -1.24
C SER B 301 2.97 29.23 -1.74
N LEU B 302 2.83 27.90 -1.84
CA LEU B 302 3.86 27.00 -2.40
C LEU B 302 4.20 27.26 -3.90
N PRO B 303 3.20 27.23 -4.81
CA PRO B 303 3.53 27.57 -6.22
C PRO B 303 4.24 28.93 -6.33
N LYS B 304 3.78 29.92 -5.56
CA LYS B 304 4.44 31.25 -5.49
C LYS B 304 5.91 31.17 -5.04
N GLU B 305 6.14 30.47 -3.92
CA GLU B 305 7.48 30.26 -3.41
C GLU B 305 8.35 29.52 -4.42
N LEU B 306 7.82 28.46 -5.05
CA LEU B 306 8.56 27.68 -6.03
C LEU B 306 8.87 28.39 -7.35
N GLU B 307 8.01 29.32 -7.77
CA GLU B 307 8.23 30.08 -9.01
C GLU B 307 9.51 30.93 -8.96
N VAL B 308 9.76 31.50 -7.79
CA VAL B 308 10.98 32.22 -7.51
C VAL B 308 12.16 31.24 -7.72
N LYS B 309 12.08 30.07 -7.11
CA LYS B 309 13.15 29.06 -7.16
C LYS B 309 13.36 28.51 -8.58
N ARG B 310 12.28 28.36 -9.34
CA ARG B 310 12.38 27.98 -10.76
C ARG B 310 13.18 29.05 -11.56
N ASP B 311 12.73 30.30 -11.47
CA ASP B 311 13.41 31.47 -12.07
C ASP B 311 14.89 31.54 -11.68
N ARG B 312 15.23 31.16 -10.45
CA ARG B 312 16.64 31.05 -9.98
C ARG B 312 17.46 29.98 -10.67
N MET B 313 16.96 28.74 -10.61
CA MET B 313 17.47 27.64 -11.43
C MET B 313 17.69 27.95 -12.90
N VAL B 314 16.73 28.62 -13.53
CA VAL B 314 16.94 28.97 -14.92
C VAL B 314 18.06 29.97 -15.14
N ARG B 315 18.25 30.91 -14.21
CA ARG B 315 19.43 31.79 -14.24
C ARG B 315 20.74 31.04 -14.07
N LEU B 316 20.79 30.11 -13.11
CA LEU B 316 22.00 29.31 -12.80
C LEU B 316 22.42 28.35 -13.93
N LEU B 317 21.41 27.72 -14.55
CA LEU B 317 21.62 26.83 -15.68
C LEU B 317 22.09 27.62 -16.91
N ASN B 318 21.40 28.68 -17.29
CA ASN B 318 21.90 29.60 -18.33
C ASN B 318 23.37 30.01 -18.04
N SER B 319 23.69 30.36 -16.79
CA SER B 319 25.07 30.83 -16.41
C SER B 319 26.24 29.93 -16.82
N VAL B 320 25.96 28.68 -17.18
CA VAL B 320 26.98 27.67 -17.37
C VAL B 320 26.87 27.00 -18.75
N GLY B 321 26.04 27.56 -19.62
CA GLY B 321 25.75 27.02 -20.96
C GLY B 321 24.85 25.77 -21.04
N LEU B 322 24.10 25.47 -19.97
CA LEU B 322 22.99 24.50 -20.05
C LEU B 322 21.71 25.25 -20.44
N LYS B 323 21.08 24.85 -21.54
CA LYS B 323 19.88 25.54 -22.00
C LYS B 323 18.67 24.94 -21.26
N PRO B 324 18.09 25.72 -20.30
CA PRO B 324 16.93 25.24 -19.56
C PRO B 324 15.63 25.29 -20.40
N ILE B 325 14.74 24.34 -20.14
CA ILE B 325 13.39 24.46 -20.65
C ILE B 325 12.57 24.94 -19.46
N VAL B 326 12.11 26.18 -19.50
CA VAL B 326 11.40 26.76 -18.39
C VAL B 326 10.07 26.01 -18.15
N PRO B 327 9.91 25.36 -16.96
CA PRO B 327 8.63 24.66 -16.72
C PRO B 327 7.37 25.55 -16.52
N ASP B 328 6.25 25.21 -17.15
CA ASP B 328 4.95 25.83 -16.85
C ASP B 328 4.48 25.50 -15.41
N GLY B 329 5.10 24.48 -14.79
CA GLY B 329 4.44 23.76 -13.67
C GLY B 329 5.36 22.71 -13.10
N GLY B 330 5.01 22.18 -11.91
CA GLY B 330 5.83 21.17 -11.25
C GLY B 330 7.08 21.72 -10.60
N TYR B 331 7.97 20.83 -10.15
CA TYR B 331 9.25 21.22 -9.53
C TYR B 331 10.51 20.60 -10.10
N PHE B 332 10.45 20.30 -11.39
CA PHE B 332 11.57 19.79 -12.14
C PHE B 332 11.86 20.75 -13.31
N ILE B 333 13.12 20.88 -13.68
CA ILE B 333 13.49 21.65 -14.87
C ILE B 333 14.48 20.83 -15.67
N ILE B 334 14.16 20.63 -16.94
CA ILE B 334 15.11 20.00 -17.86
C ILE B 334 16.13 21.02 -18.43
N ALA B 335 17.38 20.60 -18.56
CA ALA B 335 18.37 21.42 -19.27
C ALA B 335 18.93 20.58 -20.38
N ASP B 336 19.02 21.19 -21.56
CA ASP B 336 19.81 20.64 -22.63
C ASP B 336 21.29 20.81 -22.40
N VAL B 337 22.00 19.73 -22.65
CA VAL B 337 23.31 19.48 -22.14
C VAL B 337 24.35 19.43 -23.30
N SER B 338 23.83 19.45 -24.53
CA SER B 338 24.66 19.33 -25.72
C SER B 338 25.60 20.50 -26.07
N SER B 339 25.25 21.73 -25.73
CA SER B 339 26.13 22.87 -26.01
C SER B 339 27.37 22.96 -25.08
N LEU B 340 27.35 22.24 -23.96
CA LEU B 340 28.59 22.00 -23.22
C LEU B 340 29.56 21.16 -24.01
N GLY B 341 30.80 21.11 -23.54
CA GLY B 341 31.76 20.12 -24.03
C GLY B 341 31.58 18.78 -23.32
N ALA B 342 31.63 17.70 -24.09
CA ALA B 342 31.61 16.36 -23.54
C ALA B 342 32.84 16.10 -22.67
N ASP B 343 32.94 14.90 -22.11
CA ASP B 343 34.23 14.28 -21.85
C ASP B 343 34.51 13.15 -22.85
N LEU B 344 33.47 12.40 -23.19
CA LEU B 344 33.09 11.22 -22.43
C LEU B 344 33.48 9.94 -23.16
N SER B 345 34.76 9.80 -23.47
CA SER B 345 35.31 8.53 -23.92
C SER B 345 35.85 7.71 -22.76
N ASP B 346 35.99 8.34 -21.60
CA ASP B 346 36.32 7.63 -20.35
C ASP B 346 35.22 6.65 -19.92
N MET B 347 34.10 6.63 -20.67
CA MET B 347 33.02 5.67 -20.42
C MET B 347 32.87 4.59 -21.51
N ASN B 348 32.65 5.02 -22.76
CA ASN B 348 32.54 4.08 -23.93
C ASN B 348 31.44 3.00 -23.81
N SER B 349 30.73 3.02 -22.68
CA SER B 349 29.75 2.00 -22.29
C SER B 349 28.52 1.91 -23.20
N ASP B 350 28.43 2.84 -24.17
CA ASP B 350 27.26 3.02 -25.08
C ASP B 350 25.85 2.96 -24.41
N GLU B 351 25.81 3.18 -23.10
CA GLU B 351 24.56 3.51 -22.44
C GLU B 351 24.31 5.00 -22.80
N PRO B 352 23.10 5.55 -22.50
CA PRO B 352 22.74 6.84 -23.12
C PRO B 352 23.63 8.02 -22.74
N TYR B 353 23.66 9.03 -23.62
CA TYR B 353 24.51 10.19 -23.42
C TYR B 353 24.26 10.84 -22.05
N ASP B 354 22.98 11.11 -21.72
CA ASP B 354 22.60 11.73 -20.42
C ASP B 354 23.06 11.01 -19.16
N TYR B 355 23.11 9.68 -19.18
CA TYR B 355 23.65 8.86 -18.05
C TYR B 355 25.15 9.06 -17.84
N LYS B 356 25.90 9.12 -18.95
CA LYS B 356 27.31 9.52 -18.92
C LYS B 356 27.47 10.95 -18.37
N PHE B 357 26.74 11.92 -18.91
CA PHE B 357 26.81 13.29 -18.40
C PHE B 357 26.55 13.40 -16.90
N VAL B 358 25.54 12.66 -16.43
CA VAL B 358 25.17 12.79 -15.03
C VAL B 358 26.25 12.18 -14.12
N LYS B 359 26.95 11.14 -14.61
CA LYS B 359 28.07 10.54 -13.87
C LYS B 359 29.27 11.49 -13.85
N TRP B 360 29.58 12.05 -15.02
CA TRP B 360 30.57 13.10 -15.17
C TRP B 360 30.30 14.32 -14.29
N MET B 361 29.05 14.76 -14.17
CA MET B 361 28.76 15.98 -13.41
C MET B 361 28.76 15.72 -11.90
N THR B 362 28.40 14.49 -11.51
CA THR B 362 28.48 14.04 -10.13
C THR B 362 29.94 13.99 -9.65
N LYS B 363 30.77 13.27 -10.41
CA LYS B 363 32.16 13.07 -10.02
C LYS B 363 32.92 14.38 -10.04
N HIS B 364 32.79 15.16 -11.11
CA HIS B 364 33.63 16.36 -11.31
C HIS B 364 33.06 17.66 -10.77
N LYS B 365 31.72 17.81 -10.83
CA LYS B 365 31.09 19.06 -10.36
C LYS B 365 30.40 18.94 -9.00
N LYS B 366 30.33 17.72 -8.47
CA LYS B 366 29.66 17.48 -7.18
C LYS B 366 28.17 17.87 -7.16
N LEU B 367 27.51 17.67 -8.28
CA LEU B 367 26.09 17.98 -8.44
C LEU B 367 25.44 16.84 -9.20
N THR B 368 24.37 16.24 -8.64
CA THR B 368 23.61 15.22 -9.38
C THR B 368 22.27 15.71 -9.95
N ALA B 369 21.79 14.95 -10.94
CA ALA B 369 20.54 15.20 -11.63
C ALA B 369 20.12 13.87 -12.27
N ILE B 370 18.96 13.86 -12.93
CA ILE B 370 18.40 12.65 -13.54
C ILE B 370 18.42 12.71 -15.08
N PRO B 371 19.00 11.68 -15.73
CA PRO B 371 19.01 11.59 -17.19
C PRO B 371 17.57 11.39 -17.72
N VAL B 372 17.16 12.19 -18.72
CA VAL B 372 15.77 12.14 -19.22
C VAL B 372 15.45 10.82 -19.97
N SER B 373 16.49 10.17 -20.51
CA SER B 373 16.34 8.90 -21.19
C SER B 373 15.74 7.83 -20.25
N ALA B 374 15.87 8.06 -18.96
CA ALA B 374 15.22 7.19 -17.95
C ALA B 374 13.67 7.17 -18.01
N PHE B 375 13.07 8.24 -18.51
CA PHE B 375 11.65 8.33 -18.73
C PHE B 375 11.21 8.02 -20.18
N CYS B 376 12.04 7.30 -20.93
CA CYS B 376 11.79 7.03 -22.40
C CYS B 376 11.92 5.56 -22.73
N ASP B 377 11.00 5.04 -23.55
CA ASP B 377 11.08 3.69 -24.05
C ASP B 377 12.31 3.64 -24.94
N SER B 378 12.69 2.44 -25.33
CA SER B 378 13.93 2.25 -26.03
C SER B 378 14.10 3.09 -27.30
N LYS B 379 13.10 3.04 -28.20
CA LYS B 379 13.11 3.78 -29.46
C LYS B 379 13.13 5.30 -29.35
N SER B 380 12.54 5.82 -28.28
CA SER B 380 12.57 7.27 -28.02
C SER B 380 13.90 7.80 -27.48
N LYS B 381 14.63 7.01 -26.71
CA LYS B 381 15.84 7.49 -26.00
C LYS B 381 16.81 8.36 -26.84
N PRO B 382 17.11 7.98 -28.11
CA PRO B 382 17.93 8.90 -28.92
C PRO B 382 17.39 10.33 -29.11
N HIS B 383 16.08 10.54 -28.95
CA HIS B 383 15.51 11.90 -29.12
C HIS B 383 15.54 12.82 -27.91
N PHE B 384 15.91 12.22 -26.79
CA PHE B 384 15.83 12.90 -25.49
C PHE B 384 17.07 12.76 -24.65
N GLU B 385 18.07 12.02 -25.15
CA GLU B 385 19.25 11.61 -24.41
C GLU B 385 20.33 12.72 -24.15
N LYS B 386 20.05 13.95 -24.59
CA LYS B 386 20.94 15.11 -24.28
C LYS B 386 20.26 16.01 -23.23
N LEU B 387 19.20 15.47 -22.60
CA LEU B 387 18.36 16.21 -21.69
C LEU B 387 18.51 15.64 -20.29
N VAL B 388 18.57 16.53 -19.32
CA VAL B 388 18.88 16.17 -17.93
C VAL B 388 17.94 16.96 -17.05
N ARG B 389 17.41 16.30 -16.00
CA ARG B 389 16.39 16.91 -15.16
C ARG B 389 16.84 17.28 -13.73
N PHE B 390 16.54 18.51 -13.30
CA PHE B 390 16.92 19.04 -11.98
C PHE B 390 15.71 19.33 -11.12
N CYS B 391 15.79 19.03 -9.84
CA CYS B 391 14.72 19.32 -8.86
C CYS B 391 15.02 20.64 -8.10
N PHE B 392 14.02 21.53 -8.01
CA PHE B 392 14.18 22.78 -7.28
C PHE B 392 13.21 22.96 -6.12
N ILE B 393 12.52 21.89 -5.71
CA ILE B 393 11.80 21.96 -4.42
C ILE B 393 12.80 21.81 -3.24
N LYS B 394 13.67 22.79 -3.15
CA LYS B 394 14.84 22.79 -2.26
C LYS B 394 14.89 24.06 -1.43
N LYS B 395 15.50 23.95 -0.25
CA LYS B 395 15.68 25.12 0.58
C LYS B 395 16.69 26.08 -0.05
N ASP B 396 16.57 27.35 0.33
CA ASP B 396 17.46 28.42 -0.13
C ASP B 396 18.93 28.07 0.03
N SER B 397 19.26 27.51 1.18
CA SER B 397 20.64 27.13 1.44
C SER B 397 21.10 25.99 0.56
N THR B 398 20.18 25.17 0.06
CA THR B 398 20.56 24.07 -0.84
C THR B 398 20.84 24.63 -2.23
N LEU B 399 19.98 25.54 -2.65
CA LEU B 399 20.15 26.26 -3.90
C LEU B 399 21.39 27.19 -3.93
N ASP B 400 21.79 27.73 -2.77
CA ASP B 400 23.09 28.46 -2.59
C ASP B 400 24.25 27.52 -2.79
N ALA B 401 24.21 26.33 -2.17
CA ALA B 401 25.25 25.32 -2.44
C ALA B 401 25.31 24.98 -3.91
N ALA B 402 24.15 24.86 -4.56
CA ALA B 402 24.06 24.72 -6.03
C ALA B 402 24.68 25.93 -6.78
N GLU B 403 24.30 27.16 -6.37
CA GLU B 403 24.89 28.42 -6.89
C GLU B 403 26.40 28.39 -6.85
N GLU B 404 26.96 28.00 -5.70
CA GLU B 404 28.40 27.98 -5.46
C GLU B 404 29.06 26.98 -6.40
N ILE B 405 28.31 25.92 -6.78
CA ILE B 405 28.82 24.91 -7.71
C ILE B 405 28.84 25.38 -9.15
N PHE B 406 27.84 26.18 -9.51
CA PHE B 406 27.70 26.74 -10.86
C PHE B 406 28.74 27.86 -11.04
N ARG B 407 28.85 28.71 -10.02
CA ARG B 407 29.82 29.79 -9.99
C ARG B 407 31.24 29.29 -10.21
N ALA B 408 31.55 28.15 -9.62
CA ALA B 408 32.85 27.50 -9.71
C ALA B 408 32.96 26.46 -10.85
N TRP B 409 32.01 26.47 -11.79
CA TRP B 409 31.92 25.43 -12.83
C TRP B 409 33.05 25.58 -13.83
N ASN B 410 33.29 26.83 -14.22
CA ASN B 410 34.39 27.21 -15.10
C ASN B 410 35.43 28.09 -14.37
#